data_7ZNS
#
_entry.id   7ZNS
#
_cell.length_a   175.500
_cell.length_b   175.500
_cell.length_c   214.530
_cell.angle_alpha   90.000
_cell.angle_beta   90.000
_cell.angle_gamma   90.000
#
_symmetry.space_group_name_H-M   'I 41 2 2'
#
loop_
_entity.id
_entity.type
_entity.pdbx_description
1 polymer 'Glycoside hydrolase family 32'
2 branched beta-D-fructofuranose-(2-6)-beta-D-fructofuranose-(2-6)-beta-D-fructofuranose
3 branched beta-D-fructofuranose-(2-6)-beta-D-fructofuranose
4 non-polymer 'SULFATE ION'
5 water water
#
_entity_poly.entity_id   1
_entity_poly.type   'polypeptide(L)'
_entity_poly.pdbx_seq_one_letter_code
;MMKNMILPIAFTALIASMTACSDETDPILTQKNWDGTATYFQSSDEHGFSMYYKPQVGFVGNPMPFYDPVAKDFKVMYLQ
DYRPNPEATYHPIFGVATKDGATYESLGELISCGGRDEQDAAIGTGGTIYNPADKLYYTFYTGNKFKPSSDQNAQVVMVA
TSPDFKTWTKNRTFYLKGDTYGYDKNDFRDPFLFQTEDGVYHMLIATRKNGKGHIAEFTSADLKEWESAGTFMTMMWDRF
YECPDVFKMGDWWYLIYSEQASFMRKVQYFKGRTLEDLKATTANDAGIWPDNREGMLDSRAFYAGKTASDGTNRYIWGWC
PTRAGNDNGNVGDVEPEWAGNLVAQRLIQHEDGTLTLGVPDAIDRKYTSAQEVKVMAKDGNMIESGKTYTLGEGASVIFN
RLKVHNKISFTVKTASNTDRFGISFVRGTDSASWYSIHVNADEGKANFEKDGDDAKYLFDNKFNIPADNEYRVTIYSDQS
VCVTYINDQLSFTNRIYQMQKNPWSLCCYKGEITVSDVQVSTY
;
_entity_poly.pdbx_strand_id   A,B
#
# COMPACT_ATOMS: atom_id res chain seq x y z
N THR A 37 -12.70 39.65 -29.77
CA THR A 37 -13.29 39.51 -28.41
C THR A 37 -12.68 38.28 -27.74
N ALA A 38 -13.16 38.01 -26.50
CA ALA A 38 -12.78 36.84 -25.74
C ALA A 38 -14.04 36.09 -25.30
N THR A 39 -15.04 36.11 -26.18
CA THR A 39 -16.27 35.37 -26.00
C THR A 39 -16.05 33.94 -26.51
N TYR A 40 -16.72 32.97 -25.87
CA TYR A 40 -16.66 31.57 -26.23
C TYR A 40 -17.10 31.39 -27.67
N PHE A 41 -16.26 30.73 -28.48
CA PHE A 41 -16.57 30.48 -29.89
C PHE A 41 -16.79 28.97 -30.08
N GLN A 42 -17.85 28.63 -30.82
CA GLN A 42 -18.22 27.24 -31.09
C GLN A 42 -17.32 26.71 -32.20
N SER A 43 -16.09 26.36 -31.80
CA SER A 43 -15.09 25.77 -32.70
C SER A 43 -15.33 24.27 -32.83
N SER A 44 -14.64 23.65 -33.80
CA SER A 44 -14.90 22.29 -34.26
C SER A 44 -13.62 21.69 -34.83
N ASP A 45 -13.42 20.38 -34.66
CA ASP A 45 -12.26 19.69 -35.21
C ASP A 45 -12.45 19.50 -36.73
N GLU A 46 -11.33 19.54 -37.45
CA GLU A 46 -11.26 19.02 -38.82
C GLU A 46 -11.47 17.50 -38.81
N HIS A 47 -11.70 16.91 -40.00
CA HIS A 47 -11.84 15.47 -40.12
C HIS A 47 -10.55 14.75 -39.71
N GLY A 48 -9.41 15.24 -40.23
CA GLY A 48 -8.09 14.67 -39.95
C GLY A 48 -7.22 15.60 -39.09
N PHE A 49 -6.22 14.99 -38.41
CA PHE A 49 -5.21 15.70 -37.65
C PHE A 49 -3.84 15.29 -38.17
N SER A 50 -2.89 16.24 -38.24
CA SER A 50 -1.64 15.99 -38.93
C SER A 50 -0.50 15.68 -37.95
N MET A 51 -0.63 16.11 -36.68
CA MET A 51 0.46 15.99 -35.73
C MET A 51 0.11 14.95 -34.65
N TYR A 52 -0.99 15.17 -33.92
CA TYR A 52 -1.53 14.14 -33.04
C TYR A 52 -2.53 13.38 -33.89
N TYR A 53 -1.96 12.49 -34.71
CA TYR A 53 -2.50 12.07 -36.00
C TYR A 53 -3.87 11.40 -35.83
N LYS A 54 -4.73 11.69 -36.79
CA LYS A 54 -5.99 10.99 -36.96
C LYS A 54 -6.27 10.99 -38.46
N PRO A 55 -6.66 9.85 -39.06
CA PRO A 55 -7.00 9.83 -40.49
C PRO A 55 -8.29 10.60 -40.76
N GLN A 56 -8.53 10.94 -42.03
CA GLN A 56 -9.75 11.63 -42.46
C GLN A 56 -11.00 10.98 -41.88
N VAL A 57 -11.03 9.64 -41.91
CA VAL A 57 -12.17 8.85 -41.48
C VAL A 57 -11.68 7.84 -40.45
N GLY A 58 -12.35 7.82 -39.30
CA GLY A 58 -12.05 6.92 -38.21
C GLY A 58 -10.95 7.47 -37.27
N PHE A 59 -10.57 6.62 -36.32
CA PHE A 59 -9.77 7.03 -35.17
C PHE A 59 -8.61 6.05 -35.01
N VAL A 60 -7.59 6.50 -34.27
CA VAL A 60 -6.39 5.70 -34.05
C VAL A 60 -6.60 4.88 -32.77
N GLY A 61 -6.62 3.54 -32.92
CA GLY A 61 -6.61 2.62 -31.81
C GLY A 61 -5.17 2.24 -31.43
N ASN A 62 -5.01 1.16 -30.65
CA ASN A 62 -3.71 0.76 -30.12
C ASN A 62 -2.61 0.87 -31.17
N PRO A 63 -1.57 1.71 -30.93
CA PRO A 63 -0.40 1.77 -31.78
C PRO A 63 0.57 0.60 -31.59
N MET A 64 1.29 0.34 -32.68
CA MET A 64 2.29 -0.71 -32.81
C MET A 64 3.54 -0.08 -33.46
N PRO A 65 4.26 0.77 -32.72
CA PRO A 65 5.37 1.53 -33.28
C PRO A 65 6.55 0.59 -33.50
N PHE A 66 7.22 0.77 -34.63
CA PHE A 66 8.33 -0.08 -35.04
C PHE A 66 9.36 0.81 -35.75
N TYR A 67 10.63 0.76 -35.31
CA TYR A 67 11.70 1.41 -36.06
C TYR A 67 12.14 0.45 -37.15
N ASP A 68 11.87 0.85 -38.39
CA ASP A 68 12.21 0.11 -39.59
C ASP A 68 13.69 0.35 -39.90
N PRO A 69 14.59 -0.62 -39.63
CA PRO A 69 16.03 -0.39 -39.73
C PRO A 69 16.58 -0.26 -41.15
N VAL A 70 15.76 -0.64 -42.14
CA VAL A 70 16.13 -0.53 -43.55
C VAL A 70 15.77 0.86 -44.09
N ALA A 71 14.55 1.35 -43.79
CA ALA A 71 14.06 2.62 -44.29
C ALA A 71 14.56 3.74 -43.38
N LYS A 72 14.96 3.37 -42.16
CA LYS A 72 15.44 4.30 -41.16
C LYS A 72 14.36 5.35 -40.86
N ASP A 73 13.17 4.86 -40.51
CA ASP A 73 12.08 5.67 -39.96
C ASP A 73 11.23 4.75 -39.08
N PHE A 74 10.18 5.32 -38.48
CA PHE A 74 9.22 4.58 -37.68
C PHE A 74 7.98 4.25 -38.52
N LYS A 75 7.62 2.97 -38.52
CA LYS A 75 6.32 2.56 -39.01
C LYS A 75 5.45 2.36 -37.79
N VAL A 76 4.46 3.26 -37.67
CA VAL A 76 3.51 3.14 -36.59
C VAL A 76 2.26 2.49 -37.16
N MET A 77 2.22 1.16 -36.99
CA MET A 77 1.01 0.43 -37.26
C MET A 77 0.04 0.81 -36.15
N TYR A 78 -1.26 0.70 -36.43
CA TYR A 78 -2.26 0.93 -35.40
C TYR A 78 -3.55 0.22 -35.81
N LEU A 79 -4.37 -0.08 -34.80
CA LEU A 79 -5.71 -0.61 -35.00
C LEU A 79 -6.63 0.52 -35.46
N GLN A 80 -7.19 0.37 -36.65
CA GLN A 80 -8.07 1.38 -37.21
C GLN A 80 -9.47 1.22 -36.63
N ASP A 81 -9.97 2.28 -36.00
CA ASP A 81 -11.31 2.29 -35.41
C ASP A 81 -12.27 3.10 -36.30
N TYR A 82 -13.53 2.63 -36.38
CA TYR A 82 -14.59 3.45 -36.97
C TYR A 82 -15.79 3.57 -36.02
N ARG A 83 -16.66 4.53 -36.32
CA ARG A 83 -17.84 4.81 -35.52
C ARG A 83 -19.04 4.83 -36.47
N PRO A 84 -19.76 3.70 -36.60
CA PRO A 84 -19.56 2.49 -35.79
C PRO A 84 -18.60 1.50 -36.46
N ASN A 85 -18.22 0.47 -35.70
CA ASN A 85 -17.42 -0.65 -36.21
C ASN A 85 -18.36 -1.76 -36.69
N PRO A 86 -18.00 -2.51 -37.76
CA PRO A 86 -18.70 -3.78 -38.03
C PRO A 86 -18.73 -4.62 -36.76
N GLU A 87 -19.71 -5.52 -36.69
CA GLU A 87 -20.00 -6.29 -35.50
C GLU A 87 -18.86 -7.28 -35.24
N ALA A 88 -18.41 -7.95 -36.31
CA ALA A 88 -17.54 -9.11 -36.23
C ALA A 88 -16.14 -8.80 -36.76
N THR A 89 -16.07 -8.09 -37.89
CA THR A 89 -14.85 -7.80 -38.61
C THR A 89 -14.45 -6.33 -38.44
N TYR A 90 -13.63 -6.05 -37.42
CA TYR A 90 -13.23 -4.68 -37.10
C TYR A 90 -11.77 -4.64 -36.63
N HIS A 91 -11.19 -3.43 -36.60
CA HIS A 91 -9.84 -3.14 -36.12
C HIS A 91 -8.75 -3.75 -36.99
N PRO A 92 -8.79 -3.53 -38.33
CA PRO A 92 -7.67 -3.89 -39.19
C PRO A 92 -6.45 -3.03 -38.84
N ILE A 93 -5.25 -3.50 -39.21
CA ILE A 93 -4.03 -2.78 -38.96
C ILE A 93 -3.77 -1.84 -40.13
N PHE A 94 -3.89 -0.53 -39.84
CA PHE A 94 -3.45 0.52 -40.74
C PHE A 94 -2.05 0.98 -40.32
N GLY A 95 -1.45 1.90 -41.08
CA GLY A 95 -0.13 2.41 -40.73
C GLY A 95 0.05 3.89 -41.09
N VAL A 96 1.01 4.52 -40.38
CA VAL A 96 1.61 5.79 -40.75
C VAL A 96 3.13 5.64 -40.57
N ALA A 97 3.88 6.35 -41.40
CA ALA A 97 5.33 6.40 -41.31
C ALA A 97 5.73 7.77 -40.78
N THR A 98 6.73 7.83 -39.89
CA THR A 98 7.25 9.10 -39.40
C THR A 98 8.72 8.95 -39.07
N LYS A 99 9.50 10.02 -39.30
CA LYS A 99 10.89 10.07 -38.85
C LYS A 99 10.99 10.58 -37.41
N ASP A 100 10.02 11.37 -36.93
CA ASP A 100 10.23 12.24 -35.78
C ASP A 100 9.01 12.38 -34.86
N GLY A 101 7.84 11.85 -35.26
CA GLY A 101 6.65 11.89 -34.41
C GLY A 101 5.87 13.21 -34.49
N ALA A 102 6.13 14.01 -35.54
CA ALA A 102 5.49 15.30 -35.73
C ALA A 102 4.78 15.36 -37.08
N THR A 103 5.40 14.76 -38.09
CA THR A 103 4.84 14.67 -39.43
C THR A 103 4.65 13.19 -39.79
N TYR A 104 3.49 12.87 -40.39
CA TYR A 104 3.13 11.49 -40.67
C TYR A 104 2.77 11.32 -42.15
N GLU A 105 3.16 10.19 -42.72
CA GLU A 105 2.76 9.79 -44.06
C GLU A 105 1.81 8.61 -43.90
N SER A 106 0.61 8.73 -44.46
CA SER A 106 -0.39 7.68 -44.33
C SER A 106 -0.05 6.48 -45.19
N LEU A 107 -0.19 5.28 -44.62
CA LEU A 107 0.17 4.05 -45.33
C LEU A 107 -1.08 3.24 -45.68
N GLY A 108 -2.23 3.62 -45.13
CA GLY A 108 -3.47 2.93 -45.43
C GLY A 108 -3.56 1.57 -44.72
N GLU A 109 -4.45 0.72 -45.23
CA GLU A 109 -4.68 -0.60 -44.67
C GLU A 109 -3.51 -1.50 -44.97
N LEU A 110 -2.96 -2.16 -43.95
CA LEU A 110 -1.77 -2.99 -44.15
C LEU A 110 -2.13 -4.47 -43.99
N ILE A 111 -2.69 -4.82 -42.81
CA ILE A 111 -3.12 -6.18 -42.52
C ILE A 111 -4.61 -6.13 -42.22
N SER A 112 -5.39 -6.66 -43.15
CA SER A 112 -6.82 -6.50 -43.06
C SER A 112 -7.45 -7.66 -42.29
N CYS A 113 -8.70 -7.43 -41.86
CA CYS A 113 -9.45 -8.37 -41.03
C CYS A 113 -9.67 -9.67 -41.79
N GLY A 114 -9.80 -10.78 -41.06
CA GLY A 114 -10.30 -12.00 -41.68
C GLY A 114 -11.80 -11.91 -41.97
N GLY A 115 -12.33 -12.99 -42.55
CA GLY A 115 -13.75 -13.15 -42.75
C GLY A 115 -14.46 -13.31 -41.40
N ARG A 116 -15.78 -13.12 -41.44
CA ARG A 116 -16.68 -13.22 -40.29
C ARG A 116 -16.36 -14.44 -39.42
N ASP A 117 -16.06 -15.60 -40.05
CA ASP A 117 -15.97 -16.86 -39.33
C ASP A 117 -14.52 -17.26 -39.00
N GLU A 118 -13.55 -16.43 -39.40
CA GLU A 118 -12.15 -16.73 -39.18
C GLU A 118 -11.74 -16.32 -37.75
N GLN A 119 -10.60 -16.87 -37.32
CA GLN A 119 -10.02 -16.59 -36.02
C GLN A 119 -9.62 -15.13 -35.87
N ASP A 120 -9.26 -14.44 -36.98
CA ASP A 120 -8.89 -13.02 -36.94
C ASP A 120 -9.96 -12.16 -37.62
N ALA A 121 -11.25 -12.50 -37.38
CA ALA A 121 -12.34 -11.69 -37.90
C ALA A 121 -12.12 -10.25 -37.45
N ALA A 122 -11.82 -10.08 -36.15
CA ALA A 122 -11.33 -8.85 -35.57
C ALA A 122 -9.87 -9.00 -35.16
N ILE A 123 -9.08 -7.92 -35.35
CA ILE A 123 -7.66 -7.92 -35.06
C ILE A 123 -7.38 -7.08 -33.81
N GLY A 124 -6.48 -7.61 -32.97
CA GLY A 124 -5.98 -6.93 -31.78
C GLY A 124 -4.49 -6.63 -31.90
N THR A 125 -3.94 -5.93 -30.91
CA THR A 125 -2.58 -5.43 -30.98
C THR A 125 -1.59 -6.59 -31.13
N GLY A 126 -0.46 -6.30 -31.80
CA GLY A 126 0.75 -7.11 -31.68
C GLY A 126 2.03 -6.29 -31.85
N GLY A 127 2.96 -6.82 -32.65
CA GLY A 127 4.31 -6.29 -32.70
C GLY A 127 5.07 -6.77 -33.94
N THR A 128 6.05 -5.96 -34.36
CA THR A 128 6.78 -6.19 -35.60
C THR A 128 8.26 -6.40 -35.29
N ILE A 129 8.91 -7.22 -36.12
CA ILE A 129 10.34 -7.38 -36.10
C ILE A 129 10.82 -7.73 -37.52
N TYR A 130 11.93 -7.10 -37.94
CA TYR A 130 12.52 -7.38 -39.25
C TYR A 130 13.55 -8.50 -39.11
N ASN A 131 13.43 -9.50 -40.01
CA ASN A 131 14.34 -10.65 -40.05
C ASN A 131 15.28 -10.48 -41.24
N PRO A 132 16.59 -10.21 -41.04
CA PRO A 132 17.51 -10.00 -42.17
C PRO A 132 17.96 -11.29 -42.85
N ALA A 133 17.68 -12.42 -42.19
CA ALA A 133 18.02 -13.73 -42.74
C ALA A 133 17.09 -14.07 -43.90
N ASP A 134 15.83 -13.62 -43.90
CA ASP A 134 14.99 -13.76 -45.07
C ASP A 134 14.46 -12.41 -45.60
N LYS A 135 14.81 -11.29 -44.95
CA LYS A 135 14.46 -9.97 -45.47
C LYS A 135 12.93 -9.80 -45.48
N LEU A 136 12.30 -10.23 -44.39
CA LEU A 136 10.87 -10.12 -44.21
C LEU A 136 10.65 -9.42 -42.88
N TYR A 137 9.64 -8.51 -42.88
CA TYR A 137 9.05 -7.99 -41.67
C TYR A 137 7.98 -8.99 -41.22
N TYR A 138 8.02 -9.38 -39.94
CA TYR A 138 7.02 -10.20 -39.31
C TYR A 138 6.21 -9.33 -38.36
N THR A 139 4.88 -9.27 -38.57
CA THR A 139 3.97 -8.65 -37.62
C THR A 139 3.09 -9.74 -37.01
N PHE A 140 3.33 -10.02 -35.72
CA PHE A 140 2.44 -10.87 -34.93
C PHE A 140 1.32 -10.00 -34.38
N TYR A 141 0.11 -10.57 -34.30
CA TYR A 141 -1.09 -9.83 -33.96
C TYR A 141 -2.09 -10.76 -33.29
N THR A 142 -3.16 -10.19 -32.70
CA THR A 142 -4.18 -10.95 -32.01
C THR A 142 -5.37 -11.18 -32.93
N GLY A 143 -5.67 -12.47 -33.21
CA GLY A 143 -6.88 -12.86 -33.90
C GLY A 143 -8.01 -13.07 -32.91
N ASN A 144 -9.08 -12.27 -33.04
CA ASN A 144 -10.26 -12.29 -32.17
C ASN A 144 -11.42 -12.95 -32.92
N LYS A 145 -11.81 -14.13 -32.42
CA LYS A 145 -12.91 -14.92 -32.95
C LYS A 145 -14.22 -14.21 -32.68
N PHE A 146 -15.09 -14.11 -33.68
CA PHE A 146 -16.45 -13.64 -33.44
C PHE A 146 -17.28 -14.70 -32.73
N LYS A 147 -17.86 -14.32 -31.59
CA LYS A 147 -18.81 -15.14 -30.84
C LYS A 147 -18.30 -16.56 -30.72
N PRO A 148 -17.13 -16.75 -30.07
CA PRO A 148 -16.58 -18.10 -29.88
C PRO A 148 -17.47 -18.93 -28.95
N SER A 149 -17.66 -20.22 -29.25
CA SER A 149 -18.20 -21.18 -28.29
C SER A 149 -17.29 -21.22 -27.07
N SER A 150 -17.77 -21.90 -26.01
CA SER A 150 -17.04 -22.01 -24.76
C SER A 150 -15.75 -22.78 -24.99
N ASP A 151 -15.72 -23.63 -26.03
CA ASP A 151 -14.56 -24.45 -26.29
C ASP A 151 -13.60 -23.78 -27.28
N GLN A 152 -14.05 -22.75 -28.03
CA GLN A 152 -13.20 -22.07 -29.01
C GLN A 152 -12.25 -21.09 -28.32
N ASN A 153 -11.21 -20.64 -29.05
CA ASN A 153 -10.27 -19.68 -28.50
C ASN A 153 -10.68 -18.29 -28.96
N ALA A 154 -11.09 -17.44 -28.02
CA ALA A 154 -11.51 -16.09 -28.35
C ALA A 154 -10.34 -15.32 -28.94
N GLN A 155 -9.13 -15.58 -28.39
CA GLN A 155 -7.92 -14.83 -28.71
C GLN A 155 -6.76 -15.79 -28.99
N VAL A 156 -6.17 -15.62 -30.19
CA VAL A 156 -5.08 -16.44 -30.66
C VAL A 156 -4.09 -15.53 -31.37
N VAL A 157 -2.79 -15.85 -31.25
CA VAL A 157 -1.75 -15.07 -31.89
C VAL A 157 -1.49 -15.65 -33.28
N MET A 158 -1.45 -14.74 -34.25
CA MET A 158 -1.30 -15.07 -35.65
C MET A 158 -0.26 -14.12 -36.22
N VAL A 159 0.13 -14.27 -37.51
CA VAL A 159 1.23 -13.53 -38.09
C VAL A 159 1.00 -13.24 -39.58
N ALA A 160 1.59 -12.14 -40.04
CA ALA A 160 1.72 -11.82 -41.46
C ALA A 160 3.12 -11.30 -41.72
N THR A 161 3.61 -11.44 -42.96
CA THR A 161 4.94 -11.00 -43.36
C THR A 161 4.85 -10.06 -44.56
N SER A 162 5.94 -9.29 -44.77
CA SER A 162 6.04 -8.38 -45.89
C SER A 162 7.52 -8.18 -46.22
N PRO A 163 7.88 -8.15 -47.52
CA PRO A 163 9.21 -7.74 -47.94
C PRO A 163 9.42 -6.22 -48.00
N ASP A 164 8.34 -5.42 -48.16
CA ASP A 164 8.45 -4.00 -48.46
C ASP A 164 7.63 -3.13 -47.50
N PHE A 165 6.91 -3.74 -46.55
CA PHE A 165 6.02 -3.04 -45.62
C PHE A 165 4.73 -2.52 -46.28
N LYS A 166 4.52 -2.83 -47.58
CA LYS A 166 3.36 -2.36 -48.34
C LYS A 166 2.38 -3.50 -48.55
N THR A 167 2.87 -4.65 -49.04
CA THR A 167 2.05 -5.85 -49.21
C THR A 167 2.36 -6.83 -48.09
N TRP A 168 1.32 -7.13 -47.30
CA TRP A 168 1.36 -8.07 -46.19
C TRP A 168 0.64 -9.37 -46.57
N THR A 169 1.27 -10.51 -46.28
CA THR A 169 0.69 -11.82 -46.57
C THR A 169 0.55 -12.58 -45.26
N LYS A 170 -0.67 -13.02 -44.95
CA LYS A 170 -0.91 -13.83 -43.75
C LYS A 170 -0.35 -15.23 -43.90
N ASN A 171 0.19 -15.74 -42.80
CA ASN A 171 0.54 -17.13 -42.69
C ASN A 171 -0.72 -17.86 -42.21
N ARG A 172 -1.43 -18.46 -43.17
CA ARG A 172 -2.77 -19.02 -42.95
C ARG A 172 -2.74 -20.34 -42.16
N THR A 173 -1.53 -20.81 -41.80
CA THR A 173 -1.38 -22.04 -41.06
C THR A 173 -0.68 -21.81 -39.72
N PHE A 174 -0.44 -20.56 -39.33
CA PHE A 174 0.19 -20.28 -38.04
C PHE A 174 -0.83 -19.80 -37.03
N TYR A 175 -0.98 -20.58 -35.94
CA TYR A 175 -1.85 -20.25 -34.82
C TYR A 175 -1.14 -20.58 -33.50
N LEU A 176 -0.99 -19.59 -32.63
CA LEU A 176 -0.39 -19.77 -31.31
C LEU A 176 -1.49 -19.53 -30.26
N LYS A 177 -1.96 -20.67 -29.72
CA LYS A 177 -3.10 -20.76 -28.83
C LYS A 177 -2.58 -20.91 -27.40
N GLY A 178 -3.11 -20.13 -26.45
CA GLY A 178 -2.53 -20.08 -25.12
C GLY A 178 -2.76 -21.38 -24.35
N ASP A 179 -4.02 -21.80 -24.37
CA ASP A 179 -4.53 -23.16 -24.26
C ASP A 179 -3.45 -24.25 -24.38
N THR A 180 -2.80 -24.35 -25.55
CA THR A 180 -1.80 -25.37 -25.83
C THR A 180 -0.69 -25.37 -24.77
N TYR A 181 -0.43 -24.22 -24.13
CA TYR A 181 0.71 -24.12 -23.24
C TYR A 181 0.27 -23.88 -21.80
N GLY A 182 -0.97 -24.27 -21.48
CA GLY A 182 -1.50 -24.12 -20.13
C GLY A 182 -1.88 -22.67 -19.79
N TYR A 183 -2.06 -21.79 -20.78
CA TYR A 183 -2.53 -20.42 -20.56
C TYR A 183 -3.99 -20.36 -21.02
N ASP A 184 -4.55 -19.14 -21.17
CA ASP A 184 -5.99 -18.90 -21.25
C ASP A 184 -6.50 -18.95 -22.69
N LYS A 185 -7.75 -19.39 -22.85
CA LYS A 185 -8.40 -19.50 -24.15
C LYS A 185 -8.78 -18.12 -24.69
N ASN A 186 -9.25 -17.24 -23.79
CA ASN A 186 -9.98 -16.05 -24.18
C ASN A 186 -9.19 -14.75 -23.95
N ASP A 187 -8.25 -14.75 -23.01
CA ASP A 187 -7.35 -13.62 -22.81
C ASP A 187 -5.92 -14.07 -23.10
N PHE A 188 -5.48 -13.75 -24.32
CA PHE A 188 -4.20 -14.19 -24.85
C PHE A 188 -3.84 -13.26 -26.00
N ARG A 189 -3.19 -12.14 -25.70
CA ARG A 189 -3.16 -11.05 -26.67
C ARG A 189 -1.94 -10.16 -26.51
N ASP A 190 -1.84 -9.22 -27.46
CA ASP A 190 -0.89 -8.11 -27.44
C ASP A 190 0.55 -8.62 -27.52
N PRO A 191 0.88 -9.55 -28.45
CA PRO A 191 2.24 -10.11 -28.55
C PRO A 191 3.25 -9.00 -28.80
N PHE A 192 4.28 -8.96 -27.94
CA PHE A 192 5.39 -8.04 -28.09
C PHE A 192 6.64 -8.82 -28.48
N LEU A 193 7.35 -8.32 -29.51
CA LEU A 193 8.55 -8.99 -29.98
C LEU A 193 9.80 -8.14 -29.79
N PHE A 194 10.83 -8.83 -29.31
CA PHE A 194 12.17 -8.28 -29.27
C PHE A 194 13.17 -9.43 -29.38
N GLN A 195 14.37 -9.06 -29.82
CA GLN A 195 15.49 -9.97 -29.95
C GLN A 195 16.54 -9.56 -28.94
N THR A 196 16.95 -10.48 -28.06
CA THR A 196 18.07 -10.21 -27.17
C THR A 196 19.38 -10.28 -27.94
N GLU A 197 20.49 -9.86 -27.30
CA GLU A 197 21.81 -9.74 -27.93
C GLU A 197 22.34 -11.11 -28.40
N ASP A 198 21.92 -12.20 -27.73
CA ASP A 198 22.27 -13.55 -28.13
C ASP A 198 21.57 -13.96 -29.44
N GLY A 199 20.65 -13.12 -29.92
CA GLY A 199 20.01 -13.30 -31.22
C GLY A 199 18.68 -14.04 -31.11
N VAL A 200 18.34 -14.51 -29.90
CA VAL A 200 17.10 -15.23 -29.69
C VAL A 200 15.95 -14.22 -29.72
N TYR A 201 14.89 -14.59 -30.47
CA TYR A 201 13.67 -13.80 -30.58
C TYR A 201 12.72 -14.19 -29.46
N HIS A 202 12.15 -13.16 -28.80
CA HIS A 202 11.25 -13.35 -27.70
C HIS A 202 9.88 -12.75 -28.03
N MET A 203 8.83 -13.44 -27.60
CA MET A 203 7.48 -12.95 -27.74
C MET A 203 6.77 -13.06 -26.38
N LEU A 204 6.28 -11.89 -25.93
CA LEU A 204 5.57 -11.74 -24.69
C LEU A 204 4.10 -11.45 -24.99
N ILE A 205 3.24 -12.18 -24.29
CA ILE A 205 1.82 -12.21 -24.57
C ILE A 205 1.09 -12.05 -23.26
N ALA A 206 0.10 -11.14 -23.25
CA ALA A 206 -0.72 -10.87 -22.07
C ALA A 206 -1.79 -11.95 -21.97
N THR A 207 -1.80 -12.70 -20.86
CA THR A 207 -2.72 -13.81 -20.68
C THR A 207 -2.97 -14.07 -19.20
N ARG A 208 -3.61 -15.22 -18.89
CA ARG A 208 -3.91 -15.63 -17.53
C ARG A 208 -3.58 -17.10 -17.35
N LYS A 209 -3.34 -17.47 -16.09
CA LYS A 209 -3.11 -18.85 -15.68
C LYS A 209 -3.40 -18.96 -14.19
N ASN A 210 -4.19 -19.96 -13.79
CA ASN A 210 -4.44 -20.27 -12.37
C ASN A 210 -5.07 -19.06 -11.69
N GLY A 211 -6.09 -18.49 -12.33
CA GLY A 211 -6.81 -17.36 -11.77
C GLY A 211 -6.00 -16.07 -11.66
N LYS A 212 -4.93 -15.90 -12.44
CA LYS A 212 -4.08 -14.73 -12.31
C LYS A 212 -3.50 -14.31 -13.67
N GLY A 213 -3.28 -13.00 -13.83
CA GLY A 213 -2.64 -12.47 -15.02
C GLY A 213 -1.18 -12.89 -15.13
N HIS A 214 -0.80 -13.43 -16.30
CA HIS A 214 0.56 -13.81 -16.61
C HIS A 214 0.95 -13.21 -17.96
N ILE A 215 2.13 -12.55 -18.02
CA ILE A 215 2.81 -12.32 -19.28
C ILE A 215 3.59 -13.60 -19.64
N ALA A 216 3.12 -14.30 -20.67
CA ALA A 216 3.74 -15.53 -21.14
C ALA A 216 4.90 -15.19 -22.07
N GLU A 217 5.96 -16.03 -22.02
CA GLU A 217 7.10 -15.82 -22.91
C GLU A 217 7.26 -17.00 -23.85
N PHE A 218 7.57 -16.69 -25.12
CA PHE A 218 7.90 -17.70 -26.13
C PHE A 218 9.21 -17.31 -26.80
N THR A 219 9.97 -18.33 -27.25
CA THR A 219 11.25 -18.07 -27.89
C THR A 219 11.34 -18.80 -29.24
N SER A 220 12.23 -18.28 -30.09
CA SER A 220 12.40 -18.78 -31.44
C SER A 220 13.74 -18.28 -31.98
N ALA A 221 14.39 -19.14 -32.77
CA ALA A 221 15.60 -18.78 -33.50
C ALA A 221 15.25 -18.11 -34.82
N ASP A 222 14.08 -18.44 -35.40
CA ASP A 222 13.76 -18.14 -36.79
C ASP A 222 12.42 -17.40 -36.97
N LEU A 223 11.65 -17.23 -35.87
CA LEU A 223 10.35 -16.55 -35.85
C LEU A 223 9.24 -17.46 -36.39
N LYS A 224 9.55 -18.71 -36.72
CA LYS A 224 8.54 -19.61 -37.26
C LYS A 224 8.21 -20.71 -36.26
N GLU A 225 9.26 -21.26 -35.62
CA GLU A 225 9.08 -22.26 -34.59
C GLU A 225 9.23 -21.61 -33.21
N TRP A 226 8.31 -21.93 -32.29
CA TRP A 226 8.21 -21.25 -31.01
C TRP A 226 8.17 -22.28 -29.89
N GLU A 227 8.89 -22.00 -28.79
CA GLU A 227 8.80 -22.78 -27.57
C GLU A 227 8.42 -21.88 -26.40
N SER A 228 7.66 -22.46 -25.45
CA SER A 228 7.27 -21.81 -24.21
C SER A 228 8.50 -21.67 -23.31
N ALA A 229 8.76 -20.46 -22.79
CA ALA A 229 9.77 -20.24 -21.78
C ALA A 229 9.11 -19.97 -20.44
N GLY A 230 7.85 -20.42 -20.30
CA GLY A 230 7.07 -20.16 -19.11
C GLY A 230 6.68 -18.67 -18.98
N THR A 231 6.38 -18.27 -17.74
CA THR A 231 5.89 -16.94 -17.41
C THR A 231 7.03 -15.95 -17.35
N PHE A 232 6.96 -14.87 -18.15
CA PHE A 232 7.93 -13.79 -18.07
C PHE A 232 7.78 -13.03 -16.74
N MET A 233 6.54 -12.62 -16.45
CA MET A 233 6.21 -11.89 -15.24
C MET A 233 4.74 -12.15 -14.91
N THR A 234 4.45 -12.28 -13.63
CA THR A 234 3.07 -12.25 -13.19
C THR A 234 2.63 -10.79 -13.09
N MET A 235 1.31 -10.59 -13.18
CA MET A 235 0.68 -9.29 -13.09
C MET A 235 0.16 -9.08 -11.66
N MET A 236 0.50 -7.94 -11.07
CA MET A 236 0.22 -7.64 -9.67
C MET A 236 -1.26 -7.90 -9.40
N TRP A 237 -1.52 -8.51 -8.24
CA TRP A 237 -2.88 -8.68 -7.73
C TRP A 237 -3.77 -9.25 -8.82
N ASP A 238 -4.95 -8.64 -9.02
CA ASP A 238 -5.90 -9.07 -10.04
C ASP A 238 -5.89 -8.06 -11.20
N ARG A 239 -4.79 -7.32 -11.35
CA ARG A 239 -4.62 -6.39 -12.45
C ARG A 239 -4.44 -7.16 -13.77
N PHE A 240 -4.54 -6.44 -14.90
CA PHE A 240 -4.26 -6.99 -16.21
C PHE A 240 -3.52 -5.98 -17.07
N TYR A 241 -2.28 -6.32 -17.44
CA TYR A 241 -1.36 -5.49 -18.19
C TYR A 241 -1.55 -5.73 -19.68
N GLU A 242 -2.22 -4.79 -20.36
CA GLU A 242 -2.39 -4.86 -21.80
C GLU A 242 -1.20 -4.20 -22.49
N CYS A 243 -0.99 -4.50 -23.77
CA CYS A 243 0.02 -3.84 -24.58
C CYS A 243 1.38 -3.79 -23.86
N PRO A 244 1.96 -4.92 -23.43
CA PRO A 244 3.31 -4.94 -22.86
C PRO A 244 4.41 -4.55 -23.85
N ASP A 245 5.48 -3.97 -23.31
CA ASP A 245 6.60 -3.43 -24.06
C ASP A 245 7.84 -3.56 -23.16
N VAL A 246 8.80 -4.34 -23.62
CA VAL A 246 10.03 -4.59 -22.89
C VAL A 246 11.23 -4.11 -23.72
N PHE A 247 12.04 -3.26 -23.10
CA PHE A 247 13.19 -2.67 -23.78
C PHE A 247 14.27 -2.34 -22.75
N LYS A 248 15.49 -2.25 -23.27
CA LYS A 248 16.66 -1.83 -22.51
C LYS A 248 16.96 -0.38 -22.87
N MET A 249 17.21 0.46 -21.86
CA MET A 249 17.60 1.86 -22.07
C MET A 249 18.76 2.17 -21.13
N GLY A 250 19.89 2.69 -21.66
CA GLY A 250 21.09 2.80 -20.85
C GLY A 250 21.34 1.49 -20.10
N ASP A 251 21.41 1.55 -18.77
CA ASP A 251 21.74 0.37 -17.98
C ASP A 251 20.54 -0.10 -17.16
N TRP A 252 19.33 0.00 -17.75
CA TRP A 252 18.11 -0.49 -17.13
C TRP A 252 17.22 -1.20 -18.15
N TRP A 253 16.55 -2.25 -17.68
CA TRP A 253 15.49 -2.91 -18.41
C TRP A 253 14.17 -2.37 -17.91
N TYR A 254 13.21 -2.21 -18.85
CA TYR A 254 11.90 -1.66 -18.53
C TYR A 254 10.78 -2.53 -19.11
N LEU A 255 9.70 -2.65 -18.33
CA LEU A 255 8.39 -3.06 -18.83
C LEU A 255 7.47 -1.85 -18.83
N ILE A 256 7.00 -1.43 -20.02
CA ILE A 256 5.88 -0.51 -20.14
C ILE A 256 4.60 -1.29 -20.46
N TYR A 257 3.51 -0.96 -19.75
CA TYR A 257 2.23 -1.62 -19.92
C TYR A 257 1.08 -0.63 -19.73
N SER A 258 -0.10 -1.01 -20.24
CA SER A 258 -1.35 -0.30 -20.06
C SER A 258 -2.26 -1.12 -19.16
N GLU A 259 -2.67 -0.52 -18.02
CA GLU A 259 -3.46 -1.21 -17.00
C GLU A 259 -4.95 -1.18 -17.34
N GLN A 260 -5.53 -2.36 -17.54
CA GLN A 260 -6.93 -2.52 -17.89
C GLN A 260 -7.88 -2.23 -16.73
N ALA A 261 -7.43 -2.44 -15.48
CA ALA A 261 -8.29 -2.21 -14.32
C ALA A 261 -9.00 -0.85 -14.48
N SER A 262 -10.33 -0.85 -14.29
CA SER A 262 -11.12 0.33 -14.59
C SER A 262 -10.78 1.53 -13.71
N PHE A 263 -10.29 1.30 -12.49
CA PHE A 263 -9.89 2.39 -11.62
C PHE A 263 -8.57 3.04 -12.09
N MET A 264 -7.84 2.42 -13.03
CA MET A 264 -6.52 2.91 -13.40
C MET A 264 -6.55 3.43 -14.85
N ARG A 265 -6.57 2.57 -15.87
CA ARG A 265 -6.62 2.98 -17.27
C ARG A 265 -5.53 4.00 -17.62
N LYS A 266 -4.30 3.69 -17.17
CA LYS A 266 -3.13 4.50 -17.42
C LYS A 266 -1.99 3.61 -17.90
N VAL A 267 -0.98 4.26 -18.51
CA VAL A 267 0.26 3.63 -18.91
C VAL A 267 1.25 3.67 -17.75
N GLN A 268 1.74 2.50 -17.33
CA GLN A 268 2.66 2.41 -16.21
C GLN A 268 3.94 1.70 -16.67
N TYR A 269 4.93 1.61 -15.78
CA TYR A 269 6.16 0.90 -16.06
C TYR A 269 6.74 0.30 -14.77
N PHE A 270 7.62 -0.68 -15.00
CA PHE A 270 8.55 -1.22 -14.01
C PHE A 270 9.96 -1.15 -14.59
N LYS A 271 10.96 -1.19 -13.70
CA LYS A 271 12.35 -1.21 -14.13
C LYS A 271 13.16 -2.18 -13.27
N GLY A 272 14.32 -2.59 -13.81
CA GLY A 272 15.30 -3.38 -13.08
C GLY A 272 16.65 -3.34 -13.81
N ARG A 273 17.75 -3.57 -13.09
CA ARG A 273 19.06 -3.41 -13.69
C ARG A 273 19.32 -4.55 -14.68
N THR A 274 18.86 -5.76 -14.32
CA THR A 274 18.91 -6.89 -15.21
C THR A 274 17.50 -7.26 -15.65
N LEU A 275 17.42 -8.16 -16.64
CA LEU A 275 16.17 -8.73 -17.07
C LEU A 275 15.50 -9.46 -15.92
N GLU A 276 16.30 -10.17 -15.12
CA GLU A 276 15.76 -10.93 -14.00
C GLU A 276 15.28 -10.00 -12.90
N ASP A 277 15.93 -8.83 -12.75
CA ASP A 277 15.53 -7.87 -11.73
C ASP A 277 14.17 -7.28 -12.09
N LEU A 278 13.99 -6.98 -13.38
CA LEU A 278 12.73 -6.49 -13.91
C LEU A 278 11.62 -7.48 -13.57
N LYS A 279 11.86 -8.77 -13.84
CA LYS A 279 10.82 -9.78 -13.72
C LYS A 279 10.40 -9.95 -12.26
N ALA A 280 11.35 -9.70 -11.35
CA ALA A 280 11.17 -9.88 -9.91
C ALA A 280 10.24 -8.83 -9.30
N THR A 281 10.08 -7.68 -9.99
CA THR A 281 9.29 -6.55 -9.48
C THR A 281 7.86 -6.96 -9.08
N THR A 282 7.27 -7.94 -9.78
CA THR A 282 5.89 -8.31 -9.50
C THR A 282 5.76 -9.74 -8.96
N ALA A 283 6.91 -10.38 -8.68
CA ALA A 283 6.94 -11.74 -8.16
C ALA A 283 6.35 -11.77 -6.74
N ASN A 284 5.42 -12.69 -6.51
CA ASN A 284 4.68 -12.81 -5.24
C ASN A 284 4.01 -11.48 -4.90
N ASP A 285 3.59 -10.72 -5.93
CA ASP A 285 3.05 -9.39 -5.77
C ASP A 285 4.00 -8.51 -4.96
N ALA A 286 5.29 -8.56 -5.27
CA ALA A 286 6.27 -7.78 -4.51
C ALA A 286 5.94 -6.30 -4.60
N GLY A 287 5.53 -5.83 -5.78
CA GLY A 287 5.15 -4.44 -5.96
C GLY A 287 6.34 -3.48 -5.84
N ILE A 288 7.45 -3.83 -6.51
CA ILE A 288 8.60 -2.95 -6.50
C ILE A 288 8.44 -1.90 -7.59
N TRP A 289 7.74 -0.82 -7.20
CA TRP A 289 7.45 0.29 -8.10
C TRP A 289 8.77 0.94 -8.50
N PRO A 290 8.88 1.48 -9.72
CA PRO A 290 10.16 2.05 -10.17
C PRO A 290 10.47 3.43 -9.57
N ASP A 291 9.49 4.02 -8.88
CA ASP A 291 9.51 5.43 -8.50
C ASP A 291 8.42 5.64 -7.46
N ASN A 292 8.22 6.90 -7.08
CA ASN A 292 7.34 7.25 -5.98
C ASN A 292 5.88 7.30 -6.46
N ARG A 293 5.60 6.98 -7.74
CA ARG A 293 4.26 7.13 -8.30
C ARG A 293 3.76 5.87 -9.01
N GLU A 294 4.18 4.68 -8.56
CA GLU A 294 3.74 3.41 -9.14
C GLU A 294 4.02 3.37 -10.66
N GLY A 295 5.05 4.09 -11.11
CA GLY A 295 5.45 4.15 -12.50
C GLY A 295 4.39 4.69 -13.47
N MET A 296 3.43 5.51 -12.98
CA MET A 296 2.37 6.11 -13.78
C MET A 296 2.93 7.29 -14.56
N LEU A 297 3.01 7.15 -15.88
CA LEU A 297 3.71 8.09 -16.75
C LEU A 297 2.78 9.22 -17.21
N ASP A 298 1.48 8.91 -17.32
CA ASP A 298 0.48 9.84 -17.83
C ASP A 298 -0.83 9.41 -17.18
N SER A 299 -1.94 10.02 -17.59
CA SER A 299 -3.23 9.78 -16.96
C SER A 299 -4.16 9.05 -17.95
N ARG A 300 -5.48 9.22 -17.75
CA ARG A 300 -6.50 8.36 -18.35
C ARG A 300 -6.87 8.82 -19.77
N ALA A 301 -6.15 9.78 -20.34
CA ALA A 301 -6.37 10.24 -21.70
C ALA A 301 -5.15 9.92 -22.56
N PHE A 302 -4.35 8.95 -22.10
CA PHE A 302 -3.25 8.39 -22.89
C PHE A 302 -3.20 6.90 -22.60
N TYR A 303 -3.56 6.06 -23.59
CA TYR A 303 -3.64 4.63 -23.36
C TYR A 303 -2.91 3.85 -24.46
N ALA A 304 -2.58 2.60 -24.16
CA ALA A 304 -1.98 1.65 -25.09
C ALA A 304 -0.65 2.18 -25.63
N GLY A 305 0.14 2.83 -24.75
CA GLY A 305 1.44 3.36 -25.15
C GLY A 305 2.50 2.26 -25.29
N LYS A 306 3.19 2.28 -26.44
CA LYS A 306 4.25 1.35 -26.75
C LYS A 306 5.35 2.15 -27.44
N THR A 307 6.59 1.67 -27.34
CA THR A 307 7.77 2.49 -27.63
C THR A 307 8.57 1.94 -28.81
N ALA A 308 9.38 2.83 -29.39
CA ALA A 308 10.41 2.45 -30.35
C ALA A 308 11.52 3.50 -30.36
N SER A 309 12.76 3.04 -30.64
CA SER A 309 13.96 3.85 -30.65
C SER A 309 14.55 3.91 -32.05
N ASP A 310 15.12 5.08 -32.42
CA ASP A 310 15.90 5.21 -33.64
C ASP A 310 17.40 5.15 -33.33
N GLY A 311 17.78 4.81 -32.08
CA GLY A 311 19.17 4.79 -31.70
C GLY A 311 19.58 6.10 -31.03
N THR A 312 18.75 7.14 -31.15
CA THR A 312 19.03 8.45 -30.57
C THR A 312 18.00 8.80 -29.51
N ASN A 313 16.70 8.62 -29.83
CA ASN A 313 15.65 8.81 -28.85
C ASN A 313 14.73 7.60 -28.84
N ARG A 314 14.11 7.35 -27.68
CA ARG A 314 13.00 6.41 -27.61
C ARG A 314 11.71 7.21 -27.40
N TYR A 315 10.78 7.06 -28.35
CA TYR A 315 9.47 7.67 -28.28
C TYR A 315 8.45 6.62 -27.86
N ILE A 316 7.33 7.12 -27.33
CA ILE A 316 6.18 6.29 -27.02
C ILE A 316 4.98 6.82 -27.80
N TRP A 317 4.22 5.89 -28.39
CA TRP A 317 2.97 6.20 -29.07
C TRP A 317 1.80 5.52 -28.37
N GLY A 318 0.82 6.34 -28.02
CA GLY A 318 -0.45 5.92 -27.45
C GLY A 318 -1.60 6.68 -28.13
N TRP A 319 -2.82 6.48 -27.63
CA TRP A 319 -3.95 7.25 -28.13
C TRP A 319 -4.61 8.07 -27.03
N CYS A 320 -5.16 9.20 -27.46
CA CYS A 320 -5.94 10.08 -26.62
C CYS A 320 -7.41 9.87 -26.99
N PRO A 321 -8.25 9.45 -26.01
CA PRO A 321 -9.62 9.06 -26.31
C PRO A 321 -10.47 10.22 -26.82
N THR A 322 -11.48 9.86 -27.61
CA THR A 322 -12.58 10.74 -27.92
C THR A 322 -13.46 10.83 -26.68
N ARG A 323 -14.37 11.81 -26.72
CA ARG A 323 -15.43 11.94 -25.71
C ARG A 323 -16.77 11.88 -26.43
N ALA A 324 -17.72 11.18 -25.82
CA ALA A 324 -19.10 11.19 -26.29
C ALA A 324 -19.65 12.61 -26.31
N GLY A 325 -20.25 12.96 -27.46
CA GLY A 325 -20.91 14.23 -27.65
C GLY A 325 -19.92 15.39 -27.76
N ASN A 326 -18.62 15.08 -27.90
CA ASN A 326 -17.56 16.07 -27.84
C ASN A 326 -17.55 16.80 -26.49
N ASP A 327 -17.99 16.10 -25.43
CA ASP A 327 -18.12 16.69 -24.11
C ASP A 327 -16.87 16.35 -23.28
N ASN A 328 -16.03 17.38 -23.09
CA ASN A 328 -14.76 17.26 -22.38
C ASN A 328 -14.94 16.68 -20.98
N GLY A 329 -16.14 16.85 -20.41
CA GLY A 329 -16.43 16.36 -19.07
C GLY A 329 -17.13 15.00 -19.04
N ASN A 330 -17.37 14.39 -20.22
CA ASN A 330 -17.87 13.02 -20.26
C ASN A 330 -16.69 12.10 -20.59
N VAL A 331 -16.09 11.58 -19.50
CA VAL A 331 -14.86 10.81 -19.56
C VAL A 331 -15.17 9.33 -19.30
N GLY A 332 -16.44 8.94 -19.48
CA GLY A 332 -16.86 7.57 -19.30
C GLY A 332 -17.27 7.29 -17.86
N ASP A 333 -18.17 6.31 -17.68
CA ASP A 333 -18.62 5.91 -16.36
C ASP A 333 -17.53 5.06 -15.69
N VAL A 334 -17.12 3.98 -16.35
CA VAL A 334 -16.11 3.05 -15.84
C VAL A 334 -14.79 3.26 -16.59
N GLU A 335 -14.87 3.37 -17.93
CA GLU A 335 -13.71 3.51 -18.81
C GLU A 335 -14.02 4.54 -19.88
N PRO A 336 -13.01 5.31 -20.37
CA PRO A 336 -13.23 6.21 -21.49
C PRO A 336 -13.55 5.45 -22.78
N GLU A 337 -13.99 6.20 -23.81
CA GLU A 337 -14.09 5.65 -25.15
C GLU A 337 -12.71 5.13 -25.59
N TRP A 338 -12.74 4.08 -26.40
CA TRP A 338 -11.55 3.42 -26.91
C TRP A 338 -11.17 4.04 -28.26
N ALA A 339 -9.89 4.40 -28.40
CA ALA A 339 -9.32 5.01 -29.61
C ALA A 339 -9.62 6.50 -29.68
N GLY A 340 -8.78 7.22 -30.44
CA GLY A 340 -8.97 8.63 -30.72
C GLY A 340 -7.87 9.16 -31.63
N ASN A 341 -6.89 9.84 -31.00
CA ASN A 341 -5.78 10.42 -31.74
C ASN A 341 -4.45 9.82 -31.29
N LEU A 342 -3.54 9.68 -32.25
CA LEU A 342 -2.18 9.25 -31.98
C LEU A 342 -1.44 10.35 -31.23
N VAL A 343 -0.78 10.00 -30.12
CA VAL A 343 0.02 10.95 -29.37
C VAL A 343 1.41 10.37 -29.19
N ALA A 344 2.42 11.04 -29.77
CA ALA A 344 3.82 10.71 -29.55
C ALA A 344 4.42 11.55 -28.42
N GLN A 345 5.16 10.90 -27.52
CA GLN A 345 5.93 11.55 -26.47
C GLN A 345 7.36 10.97 -26.48
N ARG A 346 8.29 11.65 -25.79
CA ARG A 346 9.70 11.25 -25.74
C ARG A 346 10.03 10.76 -24.33
N LEU A 347 10.70 9.60 -24.26
CA LEU A 347 11.13 9.07 -22.97
C LEU A 347 12.33 9.89 -22.47
N ILE A 348 12.31 10.18 -21.17
CA ILE A 348 13.39 10.85 -20.46
C ILE A 348 13.84 9.89 -19.37
N GLN A 349 15.03 9.31 -19.57
CA GLN A 349 15.63 8.46 -18.56
C GLN A 349 16.37 9.38 -17.60
N HIS A 350 16.01 9.30 -16.32
CA HIS A 350 16.63 10.11 -15.29
C HIS A 350 17.84 9.31 -14.83
N GLU A 351 18.74 9.90 -14.04
CA GLU A 351 19.99 9.20 -13.78
C GLU A 351 19.82 8.19 -12.64
N ASP A 352 18.72 8.21 -11.86
CA ASP A 352 18.34 7.08 -11.02
C ASP A 352 17.54 6.02 -11.80
N GLY A 353 17.48 6.15 -13.13
CA GLY A 353 16.82 5.20 -14.00
C GLY A 353 15.30 5.36 -14.15
N THR A 354 14.68 6.32 -13.43
CA THR A 354 13.26 6.57 -13.57
C THR A 354 12.99 7.21 -14.93
N LEU A 355 11.74 7.05 -15.38
CA LEU A 355 11.27 7.58 -16.65
C LEU A 355 10.22 8.66 -16.40
N THR A 356 10.32 9.75 -17.17
CA THR A 356 9.22 10.67 -17.40
C THR A 356 9.11 10.86 -18.91
N LEU A 357 8.07 11.59 -19.36
CA LEU A 357 7.87 11.88 -20.78
C LEU A 357 7.99 13.38 -21.00
N GLY A 358 8.66 13.76 -22.08
CA GLY A 358 8.61 15.12 -22.60
C GLY A 358 8.21 15.15 -24.08
N VAL A 359 8.21 16.36 -24.65
CA VAL A 359 7.75 16.54 -26.02
C VAL A 359 8.82 16.01 -26.95
N PRO A 360 8.45 15.39 -28.09
CA PRO A 360 9.37 15.17 -29.19
C PRO A 360 9.90 16.49 -29.73
N ASP A 361 11.22 16.54 -29.95
CA ASP A 361 11.89 17.73 -30.43
C ASP A 361 11.19 18.26 -31.69
N ALA A 362 10.79 17.37 -32.61
CA ALA A 362 10.24 17.80 -33.90
C ALA A 362 8.84 18.41 -33.77
N ILE A 363 8.10 18.00 -32.73
CA ILE A 363 6.80 18.60 -32.44
C ILE A 363 7.04 20.05 -32.01
N ASP A 364 7.94 20.25 -31.04
CA ASP A 364 8.29 21.58 -30.56
C ASP A 364 8.73 22.49 -31.70
N ARG A 365 9.54 21.96 -32.63
CA ARG A 365 10.11 22.74 -33.72
C ARG A 365 9.02 23.21 -34.69
N LYS A 366 7.84 22.58 -34.67
CA LYS A 366 6.78 22.93 -35.60
C LYS A 366 6.17 24.31 -35.31
N TYR A 367 6.29 24.79 -34.07
CA TYR A 367 5.59 25.99 -33.65
C TYR A 367 6.49 27.21 -33.87
N THR A 368 6.41 27.78 -35.07
CA THR A 368 7.41 28.72 -35.59
C THR A 368 6.93 30.17 -35.50
N SER A 369 5.65 30.37 -35.20
CA SER A 369 4.99 31.63 -35.52
C SER A 369 4.44 32.27 -34.24
N ALA A 370 5.14 33.30 -33.75
CA ALA A 370 4.86 33.92 -32.45
C ALA A 370 3.58 34.74 -32.49
N GLN A 371 2.77 34.63 -31.44
CA GLN A 371 1.51 35.36 -31.37
C GLN A 371 1.61 36.35 -30.24
N GLU A 372 0.82 37.43 -30.35
CA GLU A 372 0.74 38.41 -29.30
C GLU A 372 -0.08 37.84 -28.14
N VAL A 373 0.39 38.08 -26.91
CA VAL A 373 -0.32 37.65 -25.71
C VAL A 373 -0.85 38.91 -25.02
N LYS A 374 -2.17 39.00 -24.88
CA LYS A 374 -2.82 40.17 -24.30
C LYS A 374 -3.84 39.71 -23.27
N VAL A 375 -3.97 40.46 -22.19
CA VAL A 375 -5.00 40.20 -21.20
C VAL A 375 -6.36 40.66 -21.74
N MET A 376 -7.37 39.79 -21.67
CA MET A 376 -8.71 40.10 -22.13
C MET A 376 -9.64 40.33 -20.94
N ALA A 377 -9.38 39.71 -19.79
CA ALA A 377 -10.15 40.00 -18.58
C ALA A 377 -9.37 39.55 -17.36
N LYS A 378 -9.73 40.16 -16.20
CA LYS A 378 -9.13 39.99 -14.89
C LYS A 378 -10.26 39.70 -13.92
N ASP A 379 -9.99 39.02 -12.81
CA ASP A 379 -11.00 38.94 -11.78
C ASP A 379 -10.31 38.66 -10.44
N GLY A 380 -10.87 39.22 -9.35
CA GLY A 380 -10.36 39.05 -7.99
C GLY A 380 -8.95 39.62 -7.81
N ASN A 381 -8.17 39.00 -6.92
CA ASN A 381 -6.88 39.51 -6.50
C ASN A 381 -5.79 39.24 -7.52
N MET A 382 -5.65 40.15 -8.48
CA MET A 382 -4.92 39.83 -9.70
C MET A 382 -4.27 41.12 -10.17
N ILE A 383 -2.97 41.06 -10.48
CA ILE A 383 -2.20 42.23 -10.87
C ILE A 383 -1.40 41.92 -12.12
N GLU A 384 -1.54 42.76 -13.14
CA GLU A 384 -0.65 42.80 -14.29
C GLU A 384 0.40 43.89 -14.06
N SER A 385 1.63 43.64 -14.48
CA SER A 385 2.75 44.49 -14.13
C SER A 385 3.91 44.23 -15.09
N GLY A 386 4.01 45.07 -16.13
CA GLY A 386 4.76 44.70 -17.31
C GLY A 386 4.18 43.42 -17.89
N LYS A 387 5.04 42.38 -18.00
CA LYS A 387 4.68 41.09 -18.55
C LYS A 387 4.69 40.02 -17.46
N THR A 388 4.13 40.37 -16.28
CA THR A 388 4.09 39.51 -15.12
C THR A 388 2.71 39.57 -14.48
N TYR A 389 2.14 38.39 -14.18
CA TYR A 389 0.77 38.31 -13.71
C TYR A 389 0.77 37.60 -12.36
N THR A 390 0.23 38.29 -11.34
CA THR A 390 0.25 37.77 -9.98
C THR A 390 -1.20 37.51 -9.59
N LEU A 391 -1.46 36.36 -8.96
CA LEU A 391 -2.82 35.97 -8.64
C LEU A 391 -2.86 35.34 -7.27
N GLY A 392 -3.88 35.69 -6.47
CA GLY A 392 -4.14 35.04 -5.20
C GLY A 392 -5.38 34.19 -5.26
N GLU A 393 -5.68 33.49 -4.15
CA GLU A 393 -6.87 32.67 -4.04
C GLU A 393 -8.04 33.35 -4.74
N GLY A 394 -8.70 32.61 -5.64
CA GLY A 394 -9.93 33.04 -6.29
C GLY A 394 -9.72 33.90 -7.54
N ALA A 395 -8.48 34.31 -7.85
CA ALA A 395 -8.22 35.23 -8.94
C ALA A 395 -8.03 34.47 -10.26
N SER A 396 -8.41 35.10 -11.39
CA SER A 396 -8.12 34.57 -12.72
C SER A 396 -7.76 35.68 -13.70
N VAL A 397 -6.96 35.30 -14.72
CA VAL A 397 -6.69 36.12 -15.90
C VAL A 397 -7.05 35.29 -17.15
N ILE A 398 -7.78 35.93 -18.07
CA ILE A 398 -8.13 35.31 -19.35
C ILE A 398 -7.32 36.01 -20.43
N PHE A 399 -6.62 35.22 -21.25
CA PHE A 399 -5.78 35.72 -22.33
C PHE A 399 -6.54 35.60 -23.64
N ASN A 400 -5.93 36.15 -24.69
CA ASN A 400 -6.53 36.21 -26.01
C ASN A 400 -6.63 34.81 -26.63
N ARG A 401 -7.60 34.71 -27.54
CA ARG A 401 -8.05 33.53 -28.27
C ARG A 401 -6.86 32.77 -28.87
N LEU A 402 -6.82 31.46 -28.64
CA LEU A 402 -5.80 30.62 -29.25
C LEU A 402 -6.12 30.43 -30.72
N LYS A 403 -5.14 29.90 -31.46
CA LYS A 403 -5.36 29.50 -32.84
C LYS A 403 -5.68 27.99 -32.85
N VAL A 404 -5.29 27.27 -33.92
CA VAL A 404 -5.70 25.88 -34.09
C VAL A 404 -4.62 24.93 -33.53
N HIS A 405 -3.35 25.19 -33.87
CA HIS A 405 -2.23 24.40 -33.37
C HIS A 405 -1.33 25.30 -32.52
N ASN A 406 -1.33 25.07 -31.20
CA ASN A 406 -0.82 26.03 -30.24
C ASN A 406 0.29 25.44 -29.37
N LYS A 407 1.31 26.27 -29.11
CA LYS A 407 2.29 26.01 -28.05
C LYS A 407 2.29 27.15 -27.05
N ILE A 408 1.94 26.82 -25.80
CA ILE A 408 1.75 27.78 -24.74
C ILE A 408 2.81 27.47 -23.69
N SER A 409 3.64 28.47 -23.36
CA SER A 409 4.68 28.32 -22.33
C SER A 409 4.65 29.51 -21.38
N PHE A 410 5.07 29.24 -20.15
CA PHE A 410 5.10 30.21 -19.09
C PHE A 410 5.74 29.56 -17.88
N THR A 411 6.31 30.40 -17.01
CA THR A 411 6.85 29.96 -15.73
C THR A 411 5.94 30.43 -14.61
N VAL A 412 5.65 29.52 -13.69
CA VAL A 412 4.79 29.80 -12.56
C VAL A 412 5.63 29.64 -11.31
N LYS A 413 5.77 30.71 -10.52
CA LYS A 413 6.34 30.58 -9.19
C LYS A 413 5.23 30.67 -8.14
N THR A 414 5.22 29.70 -7.23
CA THR A 414 4.25 29.65 -6.16
C THR A 414 4.89 30.22 -4.89
N ALA A 415 4.05 30.58 -3.90
CA ALA A 415 4.51 31.14 -2.65
C ALA A 415 4.96 30.01 -1.72
N SER A 416 4.19 28.92 -1.71
CA SER A 416 4.52 27.74 -0.94
C SER A 416 4.27 26.48 -1.77
N ASN A 417 4.71 25.35 -1.21
CA ASN A 417 4.59 24.04 -1.84
C ASN A 417 3.32 23.36 -1.32
N THR A 418 2.39 24.15 -0.81
CA THR A 418 1.03 23.67 -0.55
C THR A 418 0.04 24.44 -1.44
N ASP A 419 0.56 25.23 -2.41
CA ASP A 419 -0.29 26.11 -3.19
C ASP A 419 -0.93 25.33 -4.35
N ARG A 420 -1.92 25.94 -5.00
CA ARG A 420 -2.67 25.31 -6.07
C ARG A 420 -3.03 26.35 -7.13
N PHE A 421 -2.79 26.02 -8.40
CA PHE A 421 -3.14 26.91 -9.49
C PHE A 421 -3.77 26.12 -10.64
N GLY A 422 -4.28 26.86 -11.62
CA GLY A 422 -5.10 26.29 -12.67
C GLY A 422 -4.68 26.80 -14.03
N ILE A 423 -4.68 25.87 -15.01
CA ILE A 423 -4.44 26.16 -16.41
C ILE A 423 -5.73 25.78 -17.13
N SER A 424 -6.42 26.82 -17.65
CA SER A 424 -7.80 26.70 -18.07
C SER A 424 -7.91 26.91 -19.57
N PHE A 425 -8.75 26.08 -20.20
CA PHE A 425 -9.01 26.16 -21.63
C PHE A 425 -10.50 26.25 -21.90
N VAL A 426 -10.84 26.70 -23.11
CA VAL A 426 -12.22 26.93 -23.53
C VAL A 426 -12.89 27.87 -22.51
N ARG A 427 -12.14 28.90 -22.07
CA ARG A 427 -12.72 29.87 -21.13
C ARG A 427 -12.91 31.23 -21.80
N GLY A 428 -14.10 31.42 -22.38
CA GLY A 428 -14.55 32.73 -22.81
C GLY A 428 -14.95 33.55 -21.59
N THR A 429 -15.06 34.87 -21.80
CA THR A 429 -15.48 35.78 -20.75
C THR A 429 -16.91 35.46 -20.34
N ASP A 430 -17.65 34.80 -21.24
CA ASP A 430 -19.04 34.43 -21.00
C ASP A 430 -19.23 32.94 -20.72
N SER A 431 -18.14 32.17 -20.56
CA SER A 431 -18.26 30.74 -20.26
C SER A 431 -18.59 30.52 -18.78
N ALA A 432 -19.73 29.87 -18.52
CA ALA A 432 -20.12 29.40 -17.19
C ALA A 432 -19.27 28.21 -16.74
N SER A 433 -18.82 27.40 -17.72
CA SER A 433 -17.96 26.25 -17.44
C SER A 433 -16.75 26.24 -18.39
N TRP A 434 -15.69 25.57 -17.93
CA TRP A 434 -14.45 25.50 -18.69
C TRP A 434 -13.65 24.34 -18.09
N TYR A 435 -12.48 24.07 -18.67
CA TYR A 435 -11.75 22.84 -18.36
C TYR A 435 -10.32 23.21 -17.98
N SER A 436 -9.87 22.67 -16.84
CA SER A 436 -8.67 23.18 -16.19
C SER A 436 -7.80 22.02 -15.75
N ILE A 437 -6.49 22.22 -15.90
CA ILE A 437 -5.52 21.41 -15.20
C ILE A 437 -5.20 22.11 -13.87
N HIS A 438 -5.60 21.49 -12.76
CA HIS A 438 -5.25 21.95 -11.42
C HIS A 438 -3.91 21.33 -11.02
N VAL A 439 -2.93 22.19 -10.74
CA VAL A 439 -1.68 21.75 -10.13
C VAL A 439 -1.78 21.95 -8.62
N ASN A 440 -2.00 20.85 -7.88
CA ASN A 440 -2.13 20.89 -6.44
C ASN A 440 -0.82 20.45 -5.78
N ALA A 441 0.06 21.40 -5.42
CA ALA A 441 1.38 21.05 -4.88
C ALA A 441 1.26 20.31 -3.54
N ASP A 442 0.27 20.66 -2.73
CA ASP A 442 0.01 19.99 -1.46
C ASP A 442 -0.25 18.50 -1.64
N GLU A 443 -0.91 18.09 -2.75
CA GLU A 443 -1.27 16.70 -3.00
C GLU A 443 -0.26 16.03 -3.93
N GLY A 444 0.76 16.78 -4.39
CA GLY A 444 1.80 16.23 -5.25
C GLY A 444 1.28 15.66 -6.57
N LYS A 445 0.23 16.28 -7.13
CA LYS A 445 -0.36 15.80 -8.38
C LYS A 445 -1.04 16.96 -9.11
N ALA A 446 -1.20 16.76 -10.44
CA ALA A 446 -2.09 17.56 -11.26
C ALA A 446 -3.41 16.82 -11.45
N ASN A 447 -4.52 17.58 -11.52
CA ASN A 447 -5.82 17.06 -11.84
C ASN A 447 -6.32 17.65 -13.15
N PHE A 448 -7.20 16.92 -13.84
CA PHE A 448 -8.01 17.51 -14.89
C PHE A 448 -9.42 17.61 -14.34
N GLU A 449 -10.03 18.80 -14.51
CA GLU A 449 -11.34 19.06 -13.92
C GLU A 449 -12.18 19.95 -14.83
N LYS A 450 -13.48 19.82 -14.67
CA LYS A 450 -14.42 20.82 -15.16
C LYS A 450 -14.57 21.86 -14.05
N ASP A 451 -14.38 23.14 -14.44
CA ASP A 451 -14.49 24.28 -13.53
C ASP A 451 -15.72 25.10 -13.89
N GLY A 452 -16.15 25.95 -12.94
CA GLY A 452 -17.29 26.85 -13.11
C GLY A 452 -18.56 26.18 -12.59
N ASP A 453 -19.69 26.43 -13.27
CA ASP A 453 -20.93 25.70 -13.02
C ASP A 453 -20.72 24.22 -13.32
N ASP A 454 -21.37 23.37 -12.54
CA ASP A 454 -21.28 21.94 -12.83
C ASP A 454 -19.81 21.52 -12.76
N ALA A 455 -19.04 22.19 -11.89
CA ALA A 455 -17.66 21.82 -11.66
C ALA A 455 -17.62 20.35 -11.27
N LYS A 456 -16.52 19.66 -11.57
CA LYS A 456 -16.32 18.29 -11.10
C LYS A 456 -14.91 17.80 -11.39
N TYR A 457 -14.44 16.91 -10.51
CA TYR A 457 -13.15 16.26 -10.64
C TYR A 457 -13.26 15.16 -11.69
N LEU A 458 -12.25 15.02 -12.56
CA LEU A 458 -12.28 13.98 -13.59
C LEU A 458 -11.20 12.92 -13.32
N PHE A 459 -9.91 13.29 -13.31
CA PHE A 459 -8.84 12.35 -13.01
C PHE A 459 -7.54 13.14 -12.75
N ASP A 460 -6.47 12.41 -12.40
CA ASP A 460 -5.26 13.06 -11.91
C ASP A 460 -4.00 12.40 -12.48
N ASN A 461 -2.86 13.02 -12.17
CA ASN A 461 -1.58 12.68 -12.73
C ASN A 461 -0.55 13.14 -11.70
N LYS A 462 -0.07 12.19 -10.90
CA LYS A 462 0.92 12.46 -9.86
C LYS A 462 2.29 12.68 -10.49
N PHE A 463 3.03 13.67 -9.99
CA PHE A 463 4.37 14.02 -10.46
C PHE A 463 5.17 14.67 -9.32
N ASN A 464 6.47 14.92 -9.53
CA ASN A 464 7.36 15.45 -8.49
C ASN A 464 7.25 16.96 -8.41
N ILE A 465 6.78 17.44 -7.25
CA ILE A 465 6.64 18.86 -6.97
C ILE A 465 8.02 19.51 -6.89
N PRO A 466 8.27 20.67 -7.56
CA PRO A 466 9.59 21.31 -7.50
C PRO A 466 9.93 21.82 -6.10
N ALA A 467 11.21 21.67 -5.72
CA ALA A 467 11.68 22.09 -4.40
C ALA A 467 11.67 23.61 -4.29
N ASP A 468 12.04 24.30 -5.38
CA ASP A 468 12.10 25.75 -5.48
C ASP A 468 10.75 26.41 -5.84
N ASN A 469 9.67 25.61 -5.84
CA ASN A 469 8.33 26.11 -6.07
C ASN A 469 8.17 26.72 -7.47
N GLU A 470 9.03 26.32 -8.43
CA GLU A 470 9.00 26.86 -9.77
C GLU A 470 8.57 25.81 -10.83
N TYR A 471 7.56 26.20 -11.64
CA TYR A 471 6.93 25.34 -12.64
C TYR A 471 7.12 25.90 -14.05
N ARG A 472 8.01 25.26 -14.84
CA ARG A 472 8.24 25.59 -16.23
C ARG A 472 7.27 24.76 -17.09
N VAL A 473 6.23 25.44 -17.59
CA VAL A 473 5.07 24.81 -18.21
C VAL A 473 5.17 24.93 -19.73
N THR A 474 4.91 23.81 -20.43
CA THR A 474 4.70 23.82 -21.87
C THR A 474 3.46 23.01 -22.15
N ILE A 475 2.66 23.52 -23.10
CA ILE A 475 1.46 22.84 -23.58
C ILE A 475 1.48 22.86 -25.10
N TYR A 476 1.40 21.67 -25.71
CA TYR A 476 1.37 21.52 -27.16
C TYR A 476 -0.01 21.03 -27.58
N SER A 477 -0.62 21.69 -28.57
CA SER A 477 -1.95 21.29 -29.02
C SER A 477 -1.98 21.08 -30.55
N ASP A 478 -2.84 20.13 -30.94
CA ASP A 478 -3.31 19.94 -32.30
C ASP A 478 -4.82 19.84 -32.20
N GLN A 479 -5.49 20.96 -32.51
CA GLN A 479 -6.93 21.02 -32.41
C GLN A 479 -7.31 20.65 -30.99
N SER A 480 -8.07 19.53 -30.82
CA SER A 480 -8.68 19.14 -29.55
C SER A 480 -7.78 18.31 -28.64
N VAL A 481 -6.55 17.97 -29.12
CA VAL A 481 -5.64 17.12 -28.38
C VAL A 481 -4.43 17.95 -27.93
N CYS A 482 -4.10 17.85 -26.65
CA CYS A 482 -2.92 18.55 -26.12
C CYS A 482 -2.21 17.70 -25.06
N VAL A 483 -0.91 17.95 -24.92
CA VAL A 483 -0.14 17.42 -23.80
C VAL A 483 0.50 18.60 -23.07
N THR A 484 0.32 18.60 -21.74
CA THR A 484 0.96 19.53 -20.81
C THR A 484 2.18 18.88 -20.13
N TYR A 485 3.34 19.54 -20.26
CA TYR A 485 4.60 19.13 -19.63
C TYR A 485 5.04 20.19 -18.62
N ILE A 486 5.56 19.72 -17.48
CA ILE A 486 6.11 20.60 -16.44
C ILE A 486 7.41 20.00 -15.89
N ASN A 487 8.51 20.77 -16.02
CA ASN A 487 9.78 20.51 -15.32
C ASN A 487 10.36 19.14 -15.69
N ASP A 488 10.00 18.59 -16.86
CA ASP A 488 10.37 17.22 -17.23
C ASP A 488 9.91 16.23 -16.16
N GLN A 489 8.82 16.54 -15.47
CA GLN A 489 8.26 15.64 -14.48
C GLN A 489 6.85 15.23 -14.90
N LEU A 490 5.97 16.22 -15.13
CA LEU A 490 4.59 15.97 -15.54
C LEU A 490 4.53 15.78 -17.06
N SER A 491 3.75 14.77 -17.47
CA SER A 491 3.30 14.60 -18.84
C SER A 491 1.79 14.28 -18.79
N PHE A 492 0.97 15.24 -19.21
CA PHE A 492 -0.47 15.14 -19.01
C PHE A 492 -1.16 15.39 -20.35
N THR A 493 -1.61 14.30 -20.98
CA THR A 493 -2.35 14.33 -22.22
C THR A 493 -3.79 14.63 -21.87
N ASN A 494 -4.44 15.54 -22.61
CA ASN A 494 -5.87 15.69 -22.43
C ASN A 494 -6.60 15.87 -23.76
N ARG A 495 -7.87 15.47 -23.74
CA ARG A 495 -8.81 15.80 -24.79
C ARG A 495 -9.57 17.06 -24.38
N ILE A 496 -9.39 18.13 -25.17
CA ILE A 496 -10.07 19.39 -24.89
C ILE A 496 -10.66 19.92 -26.20
N TYR A 497 -11.86 19.41 -26.53
CA TYR A 497 -12.65 19.94 -27.63
C TYR A 497 -12.83 21.45 -27.40
N GLN A 498 -12.52 22.22 -28.46
CA GLN A 498 -12.82 23.64 -28.58
C GLN A 498 -11.80 24.50 -27.81
N MET A 499 -10.63 23.93 -27.49
CA MET A 499 -9.55 24.76 -26.95
C MET A 499 -9.05 25.70 -28.05
N GLN A 500 -9.12 25.24 -29.31
CA GLN A 500 -8.71 26.04 -30.45
C GLN A 500 -9.74 27.16 -30.63
N LYS A 501 -9.24 28.32 -31.11
CA LYS A 501 -10.04 29.52 -31.36
C LYS A 501 -10.81 29.95 -30.12
N ASN A 502 -10.31 29.59 -28.94
CA ASN A 502 -10.94 30.03 -27.72
C ASN A 502 -9.86 30.58 -26.79
N PRO A 503 -10.28 31.50 -25.90
CA PRO A 503 -9.37 32.06 -24.90
C PRO A 503 -8.94 30.99 -23.90
N TRP A 504 -7.75 31.21 -23.32
CA TRP A 504 -7.25 30.42 -22.21
C TRP A 504 -6.96 31.34 -21.03
N SER A 505 -6.62 30.74 -19.89
CA SER A 505 -6.71 31.42 -18.62
C SER A 505 -5.80 30.71 -17.61
N LEU A 506 -5.26 31.52 -16.68
CA LEU A 506 -4.58 31.03 -15.48
C LEU A 506 -5.34 31.49 -14.25
N CYS A 507 -5.30 30.68 -13.20
CA CYS A 507 -5.99 31.03 -11.98
C CYS A 507 -5.21 30.47 -10.79
N CYS A 508 -5.51 31.00 -9.60
CA CYS A 508 -4.94 30.52 -8.35
C CYS A 508 -6.11 30.07 -7.46
N TYR A 509 -6.07 28.82 -7.03
CA TYR A 509 -7.10 28.26 -6.15
C TYR A 509 -6.70 28.39 -4.68
N LYS A 510 -5.38 28.40 -4.39
CA LYS A 510 -4.88 28.40 -3.03
C LYS A 510 -3.47 28.99 -3.01
N GLY A 511 -3.23 29.92 -2.09
CA GLY A 511 -1.93 30.59 -1.98
C GLY A 511 -1.79 31.75 -2.96
N GLU A 512 -0.63 31.85 -3.60
CA GLU A 512 -0.40 32.91 -4.54
C GLU A 512 0.59 32.41 -5.59
N ILE A 513 0.47 32.92 -6.83
CA ILE A 513 1.38 32.60 -7.91
C ILE A 513 1.80 33.89 -8.63
N THR A 514 2.99 33.86 -9.20
CA THR A 514 3.47 34.88 -10.12
C THR A 514 3.89 34.17 -11.40
N VAL A 515 3.48 34.75 -12.54
CA VAL A 515 3.55 34.13 -13.84
C VAL A 515 4.34 35.03 -14.77
N SER A 516 5.29 34.43 -15.48
CA SER A 516 6.23 35.20 -16.26
C SER A 516 6.51 34.47 -17.57
N ASP A 517 7.00 35.22 -18.55
CA ASP A 517 7.53 34.69 -19.79
C ASP A 517 6.42 33.90 -20.53
N VAL A 518 5.24 34.53 -20.63
CA VAL A 518 4.09 33.90 -21.25
C VAL A 518 4.25 34.04 -22.76
N GLN A 519 4.31 32.90 -23.46
CA GLN A 519 4.39 32.91 -24.90
C GLN A 519 3.35 31.98 -25.50
N VAL A 520 3.00 32.30 -26.75
CA VAL A 520 2.17 31.46 -27.58
C VAL A 520 2.76 31.48 -28.99
N SER A 521 3.08 30.29 -29.53
CA SER A 521 3.47 30.13 -30.92
C SER A 521 2.54 29.11 -31.60
N THR A 522 2.43 29.17 -32.93
CA THR A 522 1.46 28.37 -33.70
C THR A 522 2.07 27.98 -35.05
N TYR A 523 1.32 27.20 -35.86
CA TYR A 523 1.75 26.83 -37.21
C TYR A 523 0.53 26.54 -38.12
N THR B 37 -21.34 -33.57 32.14
CA THR B 37 -22.15 -33.19 30.94
C THR B 37 -21.38 -32.15 30.13
N ALA B 38 -21.97 -31.70 29.01
CA ALA B 38 -21.34 -30.72 28.13
C ALA B 38 -22.31 -29.57 27.85
N THR B 39 -23.16 -29.26 28.84
CA THR B 39 -23.99 -28.07 28.72
C THR B 39 -23.21 -26.84 29.21
N TYR B 40 -23.58 -25.70 28.64
CA TYR B 40 -22.97 -24.41 28.95
C TYR B 40 -23.13 -24.12 30.43
N PHE B 41 -22.01 -23.82 31.10
CA PHE B 41 -22.02 -23.51 32.51
C PHE B 41 -21.70 -22.02 32.72
N GLN B 42 -22.49 -21.36 33.58
CA GLN B 42 -22.32 -19.95 33.89
C GLN B 42 -21.16 -19.80 34.86
N SER B 43 -19.95 -19.86 34.31
CA SER B 43 -18.71 -19.69 35.05
C SER B 43 -18.37 -18.19 35.20
N SER B 44 -17.33 -17.89 36.00
CA SER B 44 -17.04 -16.55 36.52
C SER B 44 -15.56 -16.45 36.86
N ASP B 45 -14.95 -15.28 36.67
CA ASP B 45 -13.54 -15.08 37.03
C ASP B 45 -13.42 -14.88 38.55
N GLU B 46 -12.28 -15.31 39.12
CA GLU B 46 -11.86 -14.88 40.45
C GLU B 46 -11.54 -13.38 40.44
N HIS B 47 -11.38 -12.78 41.62
CA HIS B 47 -11.00 -11.37 41.74
C HIS B 47 -9.60 -11.14 41.16
N GLY B 48 -8.64 -12.01 41.52
CA GLY B 48 -7.26 -11.92 41.04
C GLY B 48 -6.87 -13.07 40.09
N PHE B 49 -5.82 -12.84 39.27
CA PHE B 49 -5.24 -13.85 38.38
C PHE B 49 -3.75 -13.96 38.71
N SER B 50 -3.20 -15.18 38.68
CA SER B 50 -1.83 -15.37 39.17
C SER B 50 -0.82 -15.46 38.04
N MET B 51 -1.26 -15.78 36.81
CA MET B 51 -0.34 -16.03 35.70
C MET B 51 -0.44 -14.93 34.64
N TYR B 52 -1.65 -14.72 34.09
CA TYR B 52 -1.93 -13.54 33.28
C TYR B 52 -2.48 -12.50 34.24
N TYR B 53 -1.50 -11.91 34.98
CA TYR B 53 -1.67 -11.35 36.31
C TYR B 53 -2.73 -10.24 36.31
N LYS B 54 -3.49 -10.24 37.40
CA LYS B 54 -4.37 -9.13 37.74
C LYS B 54 -4.44 -9.09 39.26
N PRO B 55 -4.31 -7.91 39.91
CA PRO B 55 -4.43 -7.82 41.37
C PRO B 55 -5.87 -8.07 41.80
N GLN B 56 -6.07 -8.36 43.09
CA GLN B 56 -7.41 -8.61 43.64
C GLN B 56 -8.38 -7.50 43.25
N VAL B 57 -7.91 -6.24 43.31
CA VAL B 57 -8.75 -5.09 42.99
C VAL B 57 -8.07 -4.26 41.90
N GLY B 58 -8.82 -4.00 40.82
CA GLY B 58 -8.34 -3.24 39.69
C GLY B 58 -7.64 -4.10 38.64
N PHE B 59 -7.14 -3.42 37.60
CA PHE B 59 -6.70 -4.05 36.38
C PHE B 59 -5.32 -3.51 36.02
N VAL B 60 -4.62 -4.24 35.14
CA VAL B 60 -3.26 -3.91 34.76
C VAL B 60 -3.31 -3.06 33.50
N GLY B 61 -2.80 -1.82 33.61
CA GLY B 61 -2.59 -0.93 32.48
C GLY B 61 -1.18 -1.07 31.93
N ASN B 62 -0.75 -0.08 31.10
CA ASN B 62 0.52 -0.17 30.38
C ASN B 62 1.66 -0.67 31.27
N PRO B 63 2.28 -1.82 30.92
CA PRO B 63 3.46 -2.33 31.61
C PRO B 63 4.77 -1.61 31.24
N MET B 64 5.68 -1.66 32.22
CA MET B 64 6.98 -1.02 32.19
C MET B 64 8.01 -2.03 32.69
N PRO B 65 8.28 -3.07 31.87
CA PRO B 65 9.13 -4.18 32.30
C PRO B 65 10.58 -3.73 32.33
N PHE B 66 11.30 -4.15 33.37
CA PHE B 66 12.68 -3.77 33.57
C PHE B 66 13.43 -4.97 34.16
N TYR B 67 14.54 -5.35 33.52
CA TYR B 67 15.45 -6.33 34.11
C TYR B 67 16.35 -5.59 35.09
N ASP B 68 16.17 -5.91 36.37
CA ASP B 68 16.91 -5.33 37.47
C ASP B 68 18.26 -6.03 37.56
N PRO B 69 19.37 -5.37 37.14
CA PRO B 69 20.69 -6.03 37.07
C PRO B 69 21.34 -6.38 38.41
N VAL B 70 20.81 -5.79 39.50
CA VAL B 70 21.32 -6.05 40.85
C VAL B 70 20.60 -7.27 41.44
N ALA B 71 19.26 -7.32 41.34
CA ALA B 71 18.48 -8.40 41.92
C ALA B 71 18.43 -9.59 40.95
N LYS B 72 18.76 -9.32 39.69
CA LYS B 72 18.76 -10.31 38.62
C LYS B 72 17.38 -10.98 38.52
N ASP B 73 16.35 -10.12 38.33
CA ASP B 73 14.99 -10.53 38.00
C ASP B 73 14.33 -9.38 37.25
N PHE B 74 13.04 -9.56 36.90
CA PHE B 74 12.27 -8.52 36.24
C PHE B 74 11.37 -7.80 37.24
N LYS B 75 11.47 -6.47 37.23
CA LYS B 75 10.46 -5.65 37.88
C LYS B 75 9.54 -5.14 36.78
N VAL B 76 8.28 -5.55 36.87
CA VAL B 76 7.30 -5.07 35.92
C VAL B 76 6.46 -4.00 36.63
N MET B 77 6.85 -2.75 36.42
CA MET B 77 6.00 -1.65 36.81
C MET B 77 4.80 -1.65 35.85
N TYR B 78 3.66 -1.12 36.30
CA TYR B 78 2.52 -0.94 35.40
C TYR B 78 1.59 0.15 35.96
N LEU B 79 0.78 0.74 35.06
CA LEU B 79 -0.24 1.71 35.44
C LEU B 79 -1.42 0.95 36.03
N GLN B 80 -1.72 1.25 37.30
CA GLN B 80 -2.82 0.60 37.99
C GLN B 80 -4.14 1.27 37.62
N ASP B 81 -5.08 0.48 37.10
CA ASP B 81 -6.39 0.96 36.67
C ASP B 81 -7.46 0.52 37.66
N TYR B 82 -8.48 1.37 37.87
CA TYR B 82 -9.65 1.00 38.66
C TYR B 82 -10.94 1.30 37.87
N ARG B 83 -12.06 0.73 38.34
CA ARG B 83 -13.35 0.89 37.68
C ARG B 83 -14.39 1.34 38.70
N PRO B 84 -14.65 2.66 38.83
CA PRO B 84 -14.04 3.68 37.96
C PRO B 84 -12.76 4.24 38.57
N ASN B 85 -12.07 5.07 37.76
CA ASN B 85 -10.88 5.80 38.16
C ASN B 85 -11.27 7.15 38.74
N PRO B 86 -10.57 7.68 39.78
CA PRO B 86 -10.72 9.09 40.14
C PRO B 86 -10.58 9.96 38.89
N GLU B 87 -11.23 11.12 38.92
CA GLU B 87 -11.41 11.96 37.75
C GLU B 87 -10.06 12.54 37.30
N ALA B 88 -9.27 13.00 38.29
CA ALA B 88 -8.05 13.76 38.03
C ALA B 88 -6.79 12.96 38.38
N THR B 89 -6.84 12.23 39.51
CA THR B 89 -5.69 11.54 40.08
C THR B 89 -5.84 10.02 39.89
N TYR B 90 -5.31 9.49 38.77
CA TYR B 90 -5.46 8.08 38.43
C TYR B 90 -4.17 7.57 37.77
N HIS B 91 -4.07 6.22 37.67
CA HIS B 91 -2.98 5.49 37.02
C HIS B 91 -1.65 5.65 37.74
N PRO B 92 -1.59 5.44 39.08
CA PRO B 92 -0.31 5.37 39.77
C PRO B 92 0.47 4.14 39.30
N ILE B 93 1.79 4.15 39.49
CA ILE B 93 2.63 3.04 39.07
C ILE B 93 2.72 2.04 40.22
N PHE B 94 2.09 0.87 39.99
CA PHE B 94 2.25 -0.30 40.84
C PHE B 94 3.34 -1.19 40.25
N GLY B 95 3.68 -2.28 40.95
CA GLY B 95 4.67 -3.22 40.43
C GLY B 95 4.38 -4.68 40.80
N VAL B 96 4.93 -5.58 39.98
CA VAL B 96 5.10 -6.99 40.30
C VAL B 96 6.53 -7.38 39.93
N ALA B 97 7.10 -8.34 40.68
CA ALA B 97 8.41 -8.89 40.34
C ALA B 97 8.22 -10.31 39.82
N THR B 98 9.04 -10.70 38.83
CA THR B 98 9.00 -12.06 38.31
C THR B 98 10.38 -12.46 37.79
N LYS B 99 10.72 -13.75 37.91
CA LYS B 99 11.89 -14.31 37.26
C LYS B 99 11.57 -14.75 35.83
N ASP B 100 10.32 -15.16 35.56
CA ASP B 100 10.03 -16.02 34.42
C ASP B 100 8.73 -15.67 33.68
N GLY B 101 7.91 -14.76 34.21
CA GLY B 101 6.70 -14.34 33.54
C GLY B 101 5.51 -15.28 33.74
N ALA B 102 5.61 -16.16 34.76
CA ALA B 102 4.56 -17.13 35.05
C ALA B 102 4.04 -16.98 36.48
N THR B 103 4.98 -16.64 37.38
CA THR B 103 4.68 -16.42 38.78
C THR B 103 5.09 -14.97 39.13
N TYR B 104 4.21 -14.25 39.86
CA TYR B 104 4.41 -12.83 40.14
C TYR B 104 4.31 -12.55 41.64
N GLU B 105 5.19 -11.66 42.13
CA GLU B 105 5.14 -11.20 43.50
C GLU B 105 4.68 -9.73 43.46
N SER B 106 3.64 -9.39 44.22
CA SER B 106 3.11 -8.04 44.26
C SER B 106 4.06 -7.10 45.00
N LEU B 107 4.29 -5.91 44.41
CA LEU B 107 5.11 -4.86 45.01
C LEU B 107 4.23 -3.71 45.51
N GLY B 108 2.94 -3.67 45.13
CA GLY B 108 2.04 -2.62 45.53
C GLY B 108 2.33 -1.28 44.82
N GLU B 109 1.85 -0.18 45.41
CA GLU B 109 2.02 1.15 44.83
C GLU B 109 3.47 1.59 44.98
N LEU B 110 4.10 2.06 43.90
CA LEU B 110 5.52 2.41 43.94
C LEU B 110 5.70 3.91 43.75
N ILE B 111 5.13 4.45 42.67
CA ILE B 111 5.15 5.88 42.39
C ILE B 111 3.70 6.36 42.35
N SER B 112 3.34 7.19 43.33
CA SER B 112 1.99 7.72 43.53
C SER B 112 1.65 8.84 42.56
N CYS B 113 0.35 9.04 42.31
CA CYS B 113 -0.15 10.21 41.63
C CYS B 113 0.20 11.48 42.41
N GLY B 114 0.37 12.60 41.70
CA GLY B 114 0.43 13.91 42.34
C GLY B 114 -0.95 14.34 42.84
N GLY B 115 -1.02 15.54 43.45
CA GLY B 115 -2.30 16.13 43.79
C GLY B 115 -3.05 16.56 42.54
N ARG B 116 -4.36 16.83 42.70
CA ARG B 116 -5.25 17.29 41.64
C ARG B 116 -4.59 18.33 40.73
N ASP B 117 -3.86 19.30 41.31
CA ASP B 117 -3.40 20.47 40.56
C ASP B 117 -1.94 20.33 40.13
N GLU B 118 -1.28 19.21 40.46
CA GLU B 118 0.10 19.00 40.05
C GLU B 118 0.19 18.47 38.61
N GLN B 119 1.38 18.59 38.02
CA GLN B 119 1.62 18.17 36.65
C GLN B 119 1.44 16.66 36.46
N ASP B 120 1.66 15.85 37.52
CA ASP B 120 1.52 14.41 37.46
C ASP B 120 0.31 13.95 38.28
N ALA B 121 -0.79 14.72 38.20
CA ALA B 121 -2.03 14.33 38.86
C ALA B 121 -2.41 12.93 38.43
N ALA B 122 -2.33 12.70 37.10
CA ALA B 122 -2.43 11.38 36.50
C ALA B 122 -1.08 11.00 35.89
N ILE B 123 -0.72 9.70 36.00
CA ILE B 123 0.57 9.21 35.54
C ILE B 123 0.40 8.35 34.28
N GLY B 124 1.32 8.57 33.33
CA GLY B 124 1.39 7.78 32.11
C GLY B 124 2.69 6.97 32.07
N THR B 125 2.81 6.15 31.02
CA THR B 125 3.90 5.19 30.91
C THR B 125 5.23 5.92 30.90
N GLY B 126 6.27 5.23 31.43
CA GLY B 126 7.66 5.58 31.13
C GLY B 126 8.57 4.35 31.11
N GLY B 127 9.71 4.48 31.77
CA GLY B 127 10.76 3.47 31.68
C GLY B 127 11.81 3.65 32.77
N THR B 128 12.50 2.55 33.06
CA THR B 128 13.43 2.49 34.18
C THR B 128 14.84 2.19 33.67
N ILE B 129 15.83 2.70 34.40
CA ILE B 129 17.22 2.33 34.15
C ILE B 129 18.00 2.46 35.47
N TYR B 130 18.89 1.49 35.74
CA TYR B 130 19.75 1.50 36.91
C TYR B 130 21.03 2.25 36.58
N ASN B 131 21.41 3.21 37.46
CA ASN B 131 22.62 4.00 37.28
C ASN B 131 23.68 3.51 38.27
N PRO B 132 24.76 2.84 37.81
CA PRO B 132 25.76 2.30 38.74
C PRO B 132 26.74 3.34 39.28
N ALA B 133 26.74 4.56 38.70
CA ALA B 133 27.52 5.67 39.22
C ALA B 133 27.00 6.15 40.58
N ASP B 134 25.67 6.17 40.76
CA ASP B 134 25.09 6.21 42.10
C ASP B 134 24.56 4.79 42.30
N LYS B 135 23.70 4.55 43.28
CA LYS B 135 23.10 3.22 43.38
C LYS B 135 21.59 3.40 43.20
N LEU B 136 21.20 4.13 42.14
CA LEU B 136 19.82 4.59 42.04
C LEU B 136 19.20 4.06 40.75
N TYR B 137 17.95 3.58 40.91
CA TYR B 137 17.04 3.34 39.82
C TYR B 137 16.35 4.66 39.47
N TYR B 138 16.38 5.01 38.18
CA TYR B 138 15.65 6.15 37.65
C TYR B 138 14.45 5.63 36.87
N THR B 139 13.24 6.04 37.28
CA THR B 139 12.04 5.79 36.49
C THR B 139 11.53 7.14 35.97
N PHE B 140 11.66 7.33 34.65
CA PHE B 140 11.02 8.44 33.96
C PHE B 140 9.58 8.02 33.64
N TYR B 141 8.67 8.99 33.70
CA TYR B 141 7.24 8.73 33.57
C TYR B 141 6.56 9.98 33.02
N THR B 142 5.29 9.83 32.61
CA THR B 142 4.53 10.91 32.02
C THR B 142 3.63 11.53 33.09
N GLY B 143 3.85 12.84 33.35
CA GLY B 143 2.95 13.61 34.20
C GLY B 143 1.84 14.23 33.35
N ASN B 144 0.58 13.84 33.67
CA ASN B 144 -0.60 14.31 32.93
C ASN B 144 -1.37 15.31 33.79
N LYS B 145 -1.38 16.56 33.29
CA LYS B 145 -2.04 17.67 33.96
C LYS B 145 -3.55 17.49 33.86
N PHE B 146 -4.28 17.66 34.97
CA PHE B 146 -5.74 17.65 34.91
C PHE B 146 -6.27 18.93 34.27
N LYS B 147 -7.09 18.76 33.22
CA LYS B 147 -7.80 19.84 32.56
C LYS B 147 -6.89 21.04 32.36
N PRO B 148 -5.78 20.88 31.61
CA PRO B 148 -4.84 21.97 31.41
C PRO B 148 -5.54 23.08 30.63
N SER B 149 -5.40 24.34 31.09
CA SER B 149 -5.77 25.49 30.31
C SER B 149 -4.95 25.51 29.03
N SER B 150 -5.33 26.40 28.11
CA SER B 150 -4.91 26.35 26.72
C SER B 150 -3.39 26.48 26.60
N ASP B 151 -2.75 27.13 27.57
CA ASP B 151 -1.33 27.44 27.45
C ASP B 151 -0.48 26.36 28.14
N GLN B 152 -1.07 25.50 29.00
CA GLN B 152 -0.31 24.58 29.84
C GLN B 152 0.16 23.36 29.06
N ASN B 153 1.07 22.59 29.67
CA ASN B 153 1.54 21.34 29.07
C ASN B 153 0.71 20.19 29.65
N ALA B 154 -0.08 19.56 28.77
CA ALA B 154 -0.92 18.43 29.17
C ALA B 154 -0.04 17.26 29.63
N GLN B 155 1.10 17.11 28.94
CA GLN B 155 2.01 15.98 29.10
C GLN B 155 3.46 16.47 29.21
N VAL B 156 4.08 16.07 30.33
CA VAL B 156 5.45 16.44 30.64
C VAL B 156 6.13 15.19 31.21
N VAL B 157 7.42 15.03 30.90
CA VAL B 157 8.20 13.93 31.44
C VAL B 157 8.82 14.36 32.77
N MET B 158 8.64 13.48 33.76
CA MET B 158 9.10 13.69 35.12
C MET B 158 9.81 12.42 35.57
N VAL B 159 10.40 12.43 36.78
CA VAL B 159 11.27 11.36 37.22
C VAL B 159 11.17 11.15 38.73
N ALA B 160 11.39 9.90 39.14
CA ALA B 160 11.58 9.51 40.53
C ALA B 160 12.73 8.53 40.60
N THR B 161 13.38 8.46 41.78
CA THR B 161 14.52 7.58 41.98
C THR B 161 14.26 6.69 43.20
N SER B 162 15.00 5.58 43.25
CA SER B 162 14.93 4.65 44.36
C SER B 162 16.27 3.95 44.50
N PRO B 163 16.77 3.73 45.73
CA PRO B 163 17.90 2.83 45.97
C PRO B 163 17.56 1.34 45.98
N ASP B 164 16.32 0.97 46.35
CA ASP B 164 15.98 -0.41 46.65
C ASP B 164 14.75 -0.92 45.86
N PHE B 165 14.17 -0.05 45.00
CA PHE B 165 12.97 -0.34 44.22
C PHE B 165 11.70 -0.36 45.07
N LYS B 166 11.81 -0.05 46.38
CA LYS B 166 10.67 -0.10 47.28
C LYS B 166 10.21 1.32 47.61
N THR B 167 11.15 2.19 48.03
CA THR B 167 10.87 3.60 48.28
C THR B 167 11.33 4.43 47.08
N TRP B 168 10.36 5.10 46.46
CA TRP B 168 10.57 6.00 45.34
C TRP B 168 10.36 7.43 45.79
N THR B 169 11.27 8.33 45.38
CA THR B 169 11.16 9.73 45.75
C THR B 169 11.20 10.54 44.45
N LYS B 170 10.18 11.41 44.28
CA LYS B 170 10.09 12.25 43.10
C LYS B 170 11.13 13.37 43.15
N ASN B 171 11.71 13.68 42.00
CA ASN B 171 12.53 14.86 41.82
C ASN B 171 11.58 16.02 41.48
N ARG B 172 11.25 16.80 42.51
CA ARG B 172 10.17 17.77 42.45
C ARG B 172 10.57 19.02 41.68
N THR B 173 11.79 19.07 41.13
CA THR B 173 12.22 20.21 40.34
C THR B 173 12.54 19.82 38.89
N PHE B 174 12.32 18.55 38.49
CA PHE B 174 12.66 18.11 37.14
C PHE B 174 11.39 18.06 36.26
N TYR B 175 11.41 18.85 35.18
CA TYR B 175 10.35 18.87 34.17
C TYR B 175 10.97 18.89 32.78
N LEU B 176 10.61 17.89 31.95
CA LEU B 176 11.03 17.87 30.57
C LEU B 176 9.80 18.09 29.70
N LYS B 177 9.70 19.32 29.18
CA LYS B 177 8.57 19.82 28.42
C LYS B 177 8.93 19.78 26.95
N GLY B 178 8.05 19.25 26.10
CA GLY B 178 8.39 19.02 24.69
C GLY B 178 8.53 20.34 23.94
N ASP B 179 7.50 21.18 24.13
CA ASP B 179 7.50 22.63 24.08
C ASP B 179 8.89 23.26 23.98
N THR B 180 9.69 23.11 25.04
CA THR B 180 11.00 23.73 25.17
C THR B 180 11.88 23.39 23.96
N TYR B 181 11.66 22.24 23.32
CA TYR B 181 12.57 21.75 22.29
C TYR B 181 11.87 21.70 20.94
N GLY B 182 10.80 22.50 20.78
CA GLY B 182 10.07 22.59 19.52
C GLY B 182 9.18 21.37 19.24
N TYR B 183 8.84 20.59 20.28
CA TYR B 183 7.91 19.48 20.16
C TYR B 183 6.60 19.92 20.82
N ASP B 184 5.70 18.96 21.12
CA ASP B 184 4.29 19.24 21.39
C ASP B 184 4.02 19.41 22.88
N LYS B 185 3.03 20.25 23.17
CA LYS B 185 2.62 20.54 24.54
C LYS B 185 1.84 19.38 25.15
N ASN B 186 1.00 18.73 24.33
CA ASN B 186 -0.08 17.88 24.82
C ASN B 186 0.17 16.40 24.55
N ASP B 187 0.94 16.09 23.49
CA ASP B 187 1.38 14.72 23.24
C ASP B 187 2.90 14.66 23.37
N PHE B 188 3.36 14.22 24.54
CA PHE B 188 4.77 14.12 24.87
C PHE B 188 4.93 13.10 26.00
N ARG B 189 5.08 11.81 25.64
CA ARG B 189 4.84 10.76 26.61
C ARG B 189 5.63 9.48 26.30
N ASP B 190 5.52 8.55 27.25
CA ASP B 190 5.99 7.18 27.13
C ASP B 190 7.52 7.13 27.01
N PRO B 191 8.27 7.86 27.87
CA PRO B 191 9.74 7.88 27.77
C PRO B 191 10.33 6.48 27.91
N PHE B 192 11.17 6.12 26.94
CA PHE B 192 11.90 4.86 26.97
C PHE B 192 13.40 5.13 27.12
N LEU B 193 14.06 4.40 28.02
CA LEU B 193 15.48 4.61 28.28
C LEU B 193 16.32 3.38 27.95
N PHE B 194 17.45 3.65 27.30
CA PHE B 194 18.48 2.66 27.08
C PHE B 194 19.83 3.36 26.97
N GLN B 195 20.89 2.59 27.25
CA GLN B 195 22.26 3.07 27.19
C GLN B 195 22.98 2.33 26.07
N THR B 196 23.50 3.06 25.10
CA THR B 196 24.18 2.42 23.99
C THR B 196 25.60 2.05 24.43
N GLU B 197 26.33 1.41 23.50
CA GLU B 197 27.64 0.79 23.68
C GLU B 197 28.69 1.78 24.18
N ASP B 198 28.60 3.01 23.68
CA ASP B 198 29.50 4.08 24.04
C ASP B 198 29.23 4.59 25.46
N GLY B 199 28.19 4.08 26.13
CA GLY B 199 27.85 4.46 27.50
C GLY B 199 26.89 5.66 27.61
N VAL B 200 26.54 6.29 26.48
CA VAL B 200 25.60 7.41 26.47
C VAL B 200 24.19 6.87 26.73
N TYR B 201 23.45 7.56 27.61
CA TYR B 201 22.06 7.26 27.90
C TYR B 201 21.14 7.98 26.92
N HIS B 202 20.14 7.25 26.41
CA HIS B 202 19.18 7.77 25.47
C HIS B 202 17.76 7.67 26.04
N MET B 203 16.95 8.68 25.75
CA MET B 203 15.56 8.69 26.11
C MET B 203 14.71 9.06 24.88
N LEU B 204 13.78 8.17 24.54
CA LEU B 204 12.89 8.33 23.41
C LEU B 204 11.48 8.58 23.94
N ILE B 205 10.85 9.60 23.35
CA ILE B 205 9.58 10.11 23.82
C ILE B 205 8.66 10.26 22.62
N ALA B 206 7.43 9.79 22.77
CA ALA B 206 6.41 9.87 21.74
C ALA B 206 5.80 11.26 21.75
N THR B 207 5.91 11.98 20.61
CA THR B 207 5.43 13.35 20.54
C THR B 207 5.09 13.72 19.09
N ARG B 208 4.84 15.02 18.85
CA ARG B 208 4.52 15.53 17.52
C ARG B 208 5.34 16.80 17.25
N LYS B 209 5.54 17.06 15.94
CA LYS B 209 6.20 18.27 15.46
C LYS B 209 5.74 18.52 14.02
N ASN B 210 5.31 19.77 13.75
CA ASN B 210 4.81 20.15 12.43
C ASN B 210 3.60 19.30 12.07
N GLY B 211 2.70 19.10 13.04
CA GLY B 211 1.49 18.30 12.86
C GLY B 211 1.72 16.85 12.43
N LYS B 212 2.85 16.25 12.85
CA LYS B 212 3.19 14.88 12.52
C LYS B 212 3.90 14.22 13.69
N GLY B 213 3.68 12.91 13.85
CA GLY B 213 4.25 12.17 14.96
C GLY B 213 5.78 12.06 14.83
N HIS B 214 6.46 12.40 15.93
CA HIS B 214 7.91 12.29 16.04
C HIS B 214 8.22 11.54 17.34
N ILE B 215 9.07 10.52 17.26
CA ILE B 215 9.78 10.03 18.42
C ILE B 215 10.99 10.94 18.63
N ALA B 216 10.96 11.71 19.73
CA ALA B 216 12.05 12.62 20.05
C ALA B 216 13.14 11.85 20.80
N GLU B 217 14.41 12.23 20.57
CA GLU B 217 15.51 11.64 21.31
C GLU B 217 16.17 12.68 22.22
N PHE B 218 16.55 12.23 23.42
CA PHE B 218 17.35 13.03 24.34
C PHE B 218 18.54 12.21 24.82
N THR B 219 19.66 12.87 25.11
CA THR B 219 20.87 12.17 25.55
C THR B 219 21.43 12.77 26.84
N SER B 220 22.20 11.96 27.57
CA SER B 220 22.70 12.32 28.87
C SER B 220 23.84 11.38 29.22
N ALA B 221 24.87 11.94 29.90
CA ALA B 221 25.96 11.16 30.44
C ALA B 221 25.58 10.60 31.80
N ASP B 222 24.70 11.29 32.54
CA ASP B 222 24.49 11.05 33.97
C ASP B 222 23.02 10.79 34.35
N LEU B 223 22.08 10.94 33.39
CA LEU B 223 20.63 10.74 33.59
C LEU B 223 19.99 11.95 34.27
N LYS B 224 20.77 13.00 34.55
CA LYS B 224 20.25 14.17 35.25
C LYS B 224 20.17 15.35 34.28
N GLU B 225 21.21 15.52 33.47
CA GLU B 225 21.26 16.57 32.47
C GLU B 225 20.98 15.97 31.10
N TRP B 226 20.11 16.64 30.32
CA TRP B 226 19.61 16.08 29.06
C TRP B 226 19.76 17.10 27.95
N GLU B 227 20.15 16.64 26.75
CA GLU B 227 20.15 17.46 25.55
C GLU B 227 19.30 16.79 24.49
N SER B 228 18.63 17.62 23.67
CA SER B 228 17.88 17.20 22.51
C SER B 228 18.84 16.69 21.45
N ALA B 229 18.60 15.48 20.92
CA ALA B 229 19.34 14.98 19.78
C ALA B 229 18.46 15.01 18.54
N GLY B 230 17.40 15.86 18.58
CA GLY B 230 16.45 15.91 17.50
C GLY B 230 15.58 14.65 17.44
N THR B 231 14.99 14.41 16.26
CA THR B 231 14.03 13.34 16.02
C THR B 231 14.74 12.00 15.86
N PHE B 232 14.37 11.01 16.68
CA PHE B 232 14.87 9.64 16.51
C PHE B 232 14.29 9.02 15.23
N MET B 233 12.95 9.06 15.11
CA MET B 233 12.23 8.52 13.97
C MET B 233 10.93 9.29 13.82
N THR B 234 10.55 9.54 12.57
CA THR B 234 9.21 10.01 12.31
C THR B 234 8.25 8.81 12.33
N MET B 235 6.97 9.10 12.59
CA MET B 235 5.90 8.12 12.64
C MET B 235 5.16 8.13 11.31
N MET B 236 4.97 6.93 10.73
CA MET B 236 4.41 6.79 9.39
C MET B 236 3.11 7.57 9.31
N TRP B 237 2.92 8.27 8.18
CA TRP B 237 1.67 8.94 7.84
C TRP B 237 1.19 9.74 9.05
N ASP B 238 -0.09 9.60 9.41
CA ASP B 238 -0.66 10.31 10.55
C ASP B 238 -0.87 9.33 11.71
N ARG B 239 -0.08 8.25 11.73
CA ARG B 239 -0.10 7.30 12.83
C ARG B 239 0.49 7.93 14.09
N PHE B 240 0.27 7.29 15.25
CA PHE B 240 0.93 7.67 16.49
C PHE B 240 1.34 6.42 17.27
N TYR B 241 2.66 6.28 17.44
CA TYR B 241 3.29 5.14 18.10
C TYR B 241 3.39 5.41 19.61
N GLU B 242 2.53 4.75 20.41
CA GLU B 242 2.60 4.82 21.86
C GLU B 242 3.56 3.75 22.40
N CYS B 243 4.06 3.94 23.63
CA CYS B 243 4.89 2.97 24.32
C CYS B 243 6.01 2.43 23.41
N PRO B 244 6.91 3.30 22.88
CA PRO B 244 8.08 2.86 22.12
C PRO B 244 9.10 2.09 22.95
N ASP B 245 9.85 1.21 22.26
CA ASP B 245 10.78 0.28 22.88
C ASP B 245 11.84 -0.08 21.83
N VAL B 246 13.09 0.27 22.16
CA VAL B 246 14.20 0.09 21.23
C VAL B 246 15.25 -0.78 21.92
N PHE B 247 15.63 -1.87 21.24
CA PHE B 247 16.56 -2.84 21.77
C PHE B 247 17.29 -3.51 20.60
N LYS B 248 18.46 -4.06 20.95
CA LYS B 248 19.25 -4.85 20.03
C LYS B 248 19.08 -6.33 20.39
N MET B 249 18.83 -7.19 19.39
CA MET B 249 18.75 -8.63 19.57
C MET B 249 19.59 -9.30 18.49
N GLY B 250 20.54 -10.16 18.91
CA GLY B 250 21.55 -10.63 17.98
C GLY B 250 22.11 -9.44 17.19
N ASP B 251 22.00 -9.50 15.85
CA ASP B 251 22.58 -8.48 14.98
C ASP B 251 21.48 -7.70 14.27
N TRP B 252 20.40 -7.41 15.00
CA TRP B 252 19.36 -6.50 14.54
C TRP B 252 18.93 -5.53 15.65
N TRP B 253 18.67 -4.28 15.25
CA TRP B 253 18.01 -3.30 16.10
C TRP B 253 16.53 -3.33 15.81
N TYR B 254 15.71 -3.17 16.87
CA TYR B 254 14.27 -3.19 16.72
C TYR B 254 13.62 -2.00 17.43
N LEU B 255 12.55 -1.46 16.82
CA LEU B 255 11.58 -0.64 17.50
C LEU B 255 10.28 -1.43 17.63
N ILE B 256 9.85 -1.66 18.88
CA ILE B 256 8.50 -2.14 19.16
C ILE B 256 7.65 -0.97 19.66
N TYR B 257 6.43 -0.88 19.12
CA TYR B 257 5.50 0.19 19.44
C TYR B 257 4.05 -0.31 19.42
N SER B 258 3.18 0.48 20.08
CA SER B 258 1.75 0.25 20.09
C SER B 258 1.07 1.35 19.29
N GLU B 259 0.30 0.97 18.25
CA GLU B 259 -0.33 1.92 17.34
C GLU B 259 -1.67 2.41 17.87
N GLN B 260 -1.75 3.73 18.09
CA GLN B 260 -2.94 4.37 18.65
C GLN B 260 -4.09 4.46 17.63
N ALA B 261 -3.76 4.50 16.34
CA ALA B 261 -4.79 4.61 15.30
C ALA B 261 -5.91 3.60 15.60
N SER B 262 -7.16 4.08 15.57
CA SER B 262 -8.34 3.30 15.93
C SER B 262 -8.47 2.01 15.13
N PHE B 263 -8.11 2.05 13.84
CA PHE B 263 -8.24 0.90 12.96
C PHE B 263 -7.22 -0.19 13.29
N MET B 264 -6.19 0.13 14.08
CA MET B 264 -5.05 -0.75 14.33
C MET B 264 -4.64 -0.61 15.78
N ARG B 265 -5.26 -1.32 16.70
CA ARG B 265 -4.88 -1.11 18.08
C ARG B 265 -4.02 -2.30 18.46
N LYS B 266 -2.86 -2.40 17.81
CA LYS B 266 -2.00 -3.57 17.89
C LYS B 266 -0.57 -3.15 18.15
N VAL B 267 0.24 -4.13 18.61
CA VAL B 267 1.66 -3.96 18.83
C VAL B 267 2.41 -4.34 17.55
N GLN B 268 3.21 -3.40 17.03
CA GLN B 268 3.95 -3.63 15.80
C GLN B 268 5.45 -3.45 16.07
N TYR B 269 6.27 -3.69 15.02
CA TYR B 269 7.70 -3.48 15.13
C TYR B 269 8.26 -3.09 13.76
N PHE B 270 9.47 -2.50 13.83
CA PHE B 270 10.38 -2.31 12.71
C PHE B 270 11.74 -2.87 13.10
N LYS B 271 12.59 -3.15 12.10
CA LYS B 271 13.93 -3.65 12.35
C LYS B 271 14.91 -3.01 11.35
N GLY B 272 16.19 -3.03 11.72
CA GLY B 272 17.29 -2.63 10.86
C GLY B 272 18.62 -3.17 11.41
N ARG B 273 19.61 -3.34 10.53
CA ARG B 273 20.87 -3.97 10.91
C ARG B 273 21.62 -3.06 11.88
N THR B 274 21.62 -1.76 11.57
CA THR B 274 22.21 -0.75 12.43
C THR B 274 21.09 0.12 13.01
N LEU B 275 21.48 0.97 13.96
CA LEU B 275 20.57 1.94 14.55
C LEU B 275 20.07 2.90 13.45
N GLU B 276 20.97 3.28 12.53
CA GLU B 276 20.62 4.21 11.45
C GLU B 276 19.67 3.52 10.46
N ASP B 277 19.82 2.21 10.26
CA ASP B 277 18.97 1.47 9.35
C ASP B 277 17.54 1.42 9.91
N LEU B 278 17.45 1.19 11.23
CA LEU B 278 16.18 1.16 11.93
C LEU B 278 15.45 2.49 11.70
N LYS B 279 16.16 3.61 11.90
CA LYS B 279 15.54 4.92 11.89
C LYS B 279 15.01 5.24 10.49
N ALA B 280 15.69 4.70 9.47
CA ALA B 280 15.39 4.97 8.07
C ALA B 280 14.07 4.34 7.63
N THR B 281 13.60 3.31 8.35
CA THR B 281 12.42 2.55 7.97
C THR B 281 11.19 3.44 7.76
N THR B 282 11.07 4.55 8.50
CA THR B 282 9.88 5.38 8.43
C THR B 282 10.16 6.78 7.87
N ALA B 283 11.40 6.99 7.42
CA ALA B 283 11.86 8.27 6.88
C ALA B 283 11.11 8.57 5.58
N ASN B 284 10.51 9.77 5.48
CA ASN B 284 9.72 10.19 4.33
C ASN B 284 8.62 9.18 4.04
N ASP B 285 8.11 8.56 5.12
CA ASP B 285 7.10 7.51 5.04
C ASP B 285 7.57 6.39 4.13
N ALA B 286 8.84 5.97 4.27
CA ALA B 286 9.37 4.91 3.44
C ALA B 286 8.54 3.64 3.62
N GLY B 287 8.16 3.33 4.86
CA GLY B 287 7.33 2.17 5.14
C GLY B 287 8.05 0.84 4.89
N ILE B 288 9.28 0.73 5.37
CA ILE B 288 10.04 -0.50 5.23
C ILE B 288 9.62 -1.44 6.37
N TRP B 289 8.55 -2.17 6.09
CA TRP B 289 8.01 -3.13 7.04
C TRP B 289 9.05 -4.22 7.26
N PRO B 290 9.14 -4.79 8.49
CA PRO B 290 10.17 -5.79 8.77
C PRO B 290 9.87 -7.18 8.16
N ASP B 291 8.65 -7.36 7.65
CA ASP B 291 8.14 -8.66 7.28
C ASP B 291 6.91 -8.44 6.41
N ASN B 292 6.22 -9.54 6.07
CA ASN B 292 5.14 -9.51 5.11
C ASN B 292 3.83 -9.09 5.79
N ARG B 293 3.87 -8.73 7.10
CA ARG B 293 2.65 -8.40 7.83
C ARG B 293 2.73 -7.06 8.58
N GLU B 294 3.48 -6.10 8.05
CA GLU B 294 3.61 -4.76 8.63
C GLU B 294 4.07 -4.84 10.09
N GLY B 295 4.84 -5.89 10.42
CA GLY B 295 5.38 -6.13 11.75
C GLY B 295 4.34 -6.28 12.86
N MET B 296 3.10 -6.70 12.53
CA MET B 296 2.02 -6.89 13.51
C MET B 296 2.21 -8.24 14.22
N LEU B 297 2.52 -8.17 15.53
CA LEU B 297 2.94 -9.33 16.30
C LEU B 297 1.75 -10.07 16.91
N ASP B 298 0.66 -9.33 17.18
CA ASP B 298 -0.53 -9.87 17.84
C ASP B 298 -1.68 -8.99 17.38
N SER B 299 -2.86 -9.16 17.99
CA SER B 299 -4.06 -8.47 17.56
C SER B 299 -4.50 -7.47 18.65
N ARG B 300 -5.80 -7.13 18.64
CA ARG B 300 -6.37 -6.00 19.35
C ARG B 300 -6.71 -6.32 20.81
N ALA B 301 -6.28 -7.49 21.30
CA ALA B 301 -6.48 -7.87 22.69
C ALA B 301 -5.10 -8.00 23.36
N PHE B 302 -4.07 -7.40 22.76
CA PHE B 302 -2.76 -7.30 23.36
C PHE B 302 -2.20 -5.91 23.04
N TYR B 303 -2.10 -5.02 24.04
CA TYR B 303 -1.71 -3.64 23.78
C TYR B 303 -0.61 -3.19 24.75
N ALA B 304 0.12 -2.13 24.36
CA ALA B 304 1.12 -1.47 25.20
C ALA B 304 2.23 -2.45 25.56
N GLY B 305 2.61 -3.31 24.61
CA GLY B 305 3.67 -4.27 24.83
C GLY B 305 5.06 -3.62 24.80
N LYS B 306 5.84 -3.94 25.83
CA LYS B 306 7.22 -3.50 25.95
C LYS B 306 8.02 -4.66 26.50
N THR B 307 9.32 -4.59 26.27
CA THR B 307 10.24 -5.72 26.27
C THR B 307 11.27 -5.59 27.40
N ALA B 308 11.76 -6.72 27.91
CA ALA B 308 12.97 -6.76 28.73
C ALA B 308 13.66 -8.12 28.62
N SER B 309 15.00 -8.10 28.69
CA SER B 309 15.84 -9.29 28.52
C SER B 309 16.57 -9.61 29.81
N ASP B 310 16.71 -10.90 30.12
CA ASP B 310 17.59 -11.33 31.20
C ASP B 310 18.94 -11.81 30.64
N GLY B 311 19.17 -11.66 29.32
CA GLY B 311 20.39 -12.15 28.70
C GLY B 311 20.24 -13.57 28.13
N THR B 312 19.13 -14.24 28.47
CA THR B 312 18.79 -15.54 27.90
C THR B 312 17.55 -15.42 27.01
N ASN B 313 16.50 -14.76 27.51
CA ASN B 313 15.29 -14.55 26.75
C ASN B 313 14.92 -13.07 26.82
N ARG B 314 14.26 -12.61 25.76
CA ARG B 314 13.59 -11.32 25.77
C ARG B 314 12.09 -11.59 25.79
N TYR B 315 11.43 -11.15 26.86
CA TYR B 315 9.99 -11.25 26.97
C TYR B 315 9.36 -9.90 26.65
N ILE B 316 8.07 -9.95 26.31
CA ILE B 316 7.27 -8.77 26.13
C ILE B 316 6.07 -8.87 27.07
N TRP B 317 5.77 -7.76 27.74
CA TRP B 317 4.60 -7.61 28.58
C TRP B 317 3.67 -6.55 28.01
N GLY B 318 2.40 -6.95 27.84
CA GLY B 318 1.32 -6.08 27.44
C GLY B 318 0.09 -6.39 28.29
N TRP B 319 -1.05 -5.76 27.98
CA TRP B 319 -2.30 -6.10 28.64
C TRP B 319 -3.34 -6.61 27.64
N CYS B 320 -4.20 -7.49 28.17
CA CYS B 320 -5.35 -7.99 27.46
C CYS B 320 -6.59 -7.29 28.02
N PRO B 321 -7.34 -6.56 27.17
CA PRO B 321 -8.47 -5.74 27.64
C PRO B 321 -9.58 -6.56 28.27
N THR B 322 -10.31 -5.89 29.15
CA THR B 322 -11.60 -6.37 29.63
C THR B 322 -12.63 -6.13 28.53
N ARG B 323 -13.83 -6.69 28.74
CA ARG B 323 -14.97 -6.43 27.87
C ARG B 323 -16.13 -5.93 28.71
N ALA B 324 -16.84 -4.93 28.19
CA ALA B 324 -18.05 -4.44 28.84
C ALA B 324 -19.10 -5.57 28.98
N GLY B 325 -19.65 -5.71 30.19
CA GLY B 325 -20.71 -6.67 30.45
C GLY B 325 -20.21 -8.11 30.51
N ASN B 326 -18.87 -8.28 30.53
CA ASN B 326 -18.23 -9.58 30.37
C ASN B 326 -18.62 -10.24 29.04
N ASP B 327 -18.90 -9.42 28.02
CA ASP B 327 -19.42 -9.90 26.75
C ASP B 327 -18.25 -10.03 25.78
N ASN B 328 -17.83 -11.28 25.50
CA ASN B 328 -16.72 -11.57 24.61
C ASN B 328 -16.88 -10.92 23.23
N GLY B 329 -18.14 -10.66 22.81
CA GLY B 329 -18.42 -10.03 21.54
C GLY B 329 -18.62 -8.50 21.62
N ASN B 330 -18.48 -7.89 22.81
CA ASN B 330 -18.40 -6.43 22.92
C ASN B 330 -16.92 -6.02 23.04
N VAL B 331 -16.34 -5.68 21.88
CA VAL B 331 -14.92 -5.36 21.76
C VAL B 331 -14.75 -3.86 21.51
N GLY B 332 -15.79 -3.07 21.82
CA GLY B 332 -15.74 -1.62 21.65
C GLY B 332 -16.13 -1.19 20.22
N ASP B 333 -16.66 0.04 20.09
CA ASP B 333 -17.03 0.58 18.78
C ASP B 333 -15.76 0.97 18.00
N VAL B 334 -14.94 1.84 18.59
CA VAL B 334 -13.75 2.38 17.93
C VAL B 334 -12.47 1.78 18.54
N GLU B 335 -12.44 1.65 19.89
CA GLU B 335 -11.31 1.10 20.61
C GLU B 335 -11.82 0.19 21.73
N PRO B 336 -11.07 -0.88 22.09
CA PRO B 336 -11.44 -1.71 23.24
C PRO B 336 -11.32 -0.92 24.54
N GLU B 337 -11.83 -1.49 25.65
CA GLU B 337 -11.57 -0.97 26.98
C GLU B 337 -10.05 -0.94 27.22
N TRP B 338 -9.61 0.04 28.02
CA TRP B 338 -8.21 0.22 28.35
C TRP B 338 -7.88 -0.55 29.62
N ALA B 339 -6.80 -1.36 29.60
CA ALA B 339 -6.32 -2.15 30.74
C ALA B 339 -7.12 -3.44 30.92
N GLY B 340 -6.48 -4.43 31.54
CA GLY B 340 -7.14 -5.68 31.89
C GLY B 340 -6.18 -6.60 32.66
N ASN B 341 -5.57 -7.53 31.93
CA ASN B 341 -4.67 -8.51 32.52
C ASN B 341 -3.29 -8.42 31.88
N LEU B 342 -2.26 -8.62 32.71
CA LEU B 342 -0.88 -8.68 32.24
C LEU B 342 -0.68 -9.96 31.44
N VAL B 343 -0.11 -9.83 30.24
CA VAL B 343 0.18 -10.99 29.40
C VAL B 343 1.65 -10.94 29.00
N ALA B 344 2.43 -11.94 29.47
CA ALA B 344 3.82 -12.11 29.04
C ALA B 344 3.91 -13.10 27.88
N GLN B 345 4.74 -12.73 26.88
CA GLN B 345 5.07 -13.58 25.75
C GLN B 345 6.58 -13.54 25.57
N ARG B 346 7.11 -14.49 24.77
CA ARG B 346 8.53 -14.58 24.51
C ARG B 346 8.82 -14.19 23.07
N LEU B 347 9.86 -13.36 22.87
CA LEU B 347 10.29 -13.02 21.52
C LEU B 347 11.02 -14.22 20.90
N ILE B 348 10.70 -14.48 19.64
CA ILE B 348 11.39 -15.43 18.79
C ILE B 348 11.98 -14.66 17.62
N GLN B 349 13.32 -14.52 17.63
CA GLN B 349 14.01 -13.95 16.49
C GLN B 349 14.25 -15.07 15.49
N HIS B 350 13.76 -14.86 14.26
CA HIS B 350 13.93 -15.82 13.18
C HIS B 350 15.32 -15.62 12.56
N GLU B 351 15.63 -16.41 11.53
CA GLU B 351 16.94 -16.38 10.87
C GLU B 351 17.12 -15.10 10.07
N ASP B 352 16.02 -14.67 9.45
CA ASP B 352 15.98 -13.45 8.64
C ASP B 352 15.74 -12.22 9.52
N GLY B 353 15.77 -12.39 10.86
CA GLY B 353 15.66 -11.27 11.79
C GLY B 353 14.23 -10.87 12.14
N THR B 354 13.22 -11.49 11.51
CA THR B 354 11.83 -11.22 11.84
C THR B 354 11.52 -11.77 13.24
N LEU B 355 10.48 -11.19 13.84
CA LEU B 355 10.06 -11.52 15.19
C LEU B 355 8.67 -12.14 15.13
N THR B 356 8.49 -13.20 15.92
CA THR B 356 7.18 -13.71 16.32
C THR B 356 7.22 -13.88 17.84
N LEU B 357 6.05 -14.18 18.44
CA LEU B 357 5.96 -14.39 19.87
C LEU B 357 5.56 -15.84 20.12
N GLY B 358 6.20 -16.46 21.11
CA GLY B 358 5.75 -17.73 21.65
C GLY B 358 5.56 -17.66 23.18
N VAL B 359 5.22 -18.80 23.76
CA VAL B 359 4.91 -18.87 25.18
C VAL B 359 6.23 -18.76 25.94
N PRO B 360 6.24 -18.07 27.09
CA PRO B 360 7.33 -18.24 28.07
C PRO B 360 7.43 -19.68 28.55
N ASP B 361 8.66 -20.22 28.56
CA ASP B 361 8.97 -21.56 29.05
C ASP B 361 8.23 -21.84 30.37
N ALA B 362 8.28 -20.90 31.32
CA ALA B 362 7.80 -21.13 32.68
C ALA B 362 6.28 -21.21 32.75
N ILE B 363 5.60 -20.53 31.80
CA ILE B 363 4.15 -20.62 31.69
C ILE B 363 3.78 -22.03 31.26
N ASP B 364 4.43 -22.53 30.20
CA ASP B 364 4.22 -23.88 29.70
C ASP B 364 4.43 -24.91 30.81
N ARG B 365 5.52 -24.73 31.59
CA ARG B 365 5.92 -25.69 32.62
C ARG B 365 4.88 -25.76 33.75
N LYS B 366 3.98 -24.78 33.85
CA LYS B 366 3.00 -24.77 34.92
C LYS B 366 1.93 -25.84 34.74
N TYR B 367 1.71 -26.29 33.49
CA TYR B 367 0.57 -27.17 33.21
C TYR B 367 1.03 -28.63 33.34
N THR B 368 0.92 -29.16 34.56
CA THR B 368 1.59 -30.40 34.96
C THR B 368 0.62 -31.59 34.98
N SER B 369 -0.68 -31.33 34.86
CA SER B 369 -1.67 -32.29 35.24
C SER B 369 -2.56 -32.65 34.05
N ALA B 370 -2.32 -33.84 33.44
CA ALA B 370 -2.99 -34.25 32.22
C ALA B 370 -4.46 -34.60 32.47
N GLN B 371 -5.35 -34.19 31.58
CA GLN B 371 -6.78 -34.45 31.73
C GLN B 371 -7.21 -35.39 30.61
N GLU B 372 -8.31 -36.13 30.85
CA GLU B 372 -8.88 -36.95 29.82
C GLU B 372 -9.56 -36.06 28.76
N VAL B 373 -9.35 -36.41 27.48
CA VAL B 373 -10.04 -35.76 26.39
C VAL B 373 -11.04 -36.74 25.81
N LYS B 374 -12.32 -36.40 25.83
CA LYS B 374 -13.34 -37.28 25.28
C LYS B 374 -14.35 -36.45 24.50
N VAL B 375 -14.94 -37.08 23.49
CA VAL B 375 -15.90 -36.40 22.64
C VAL B 375 -17.26 -36.40 23.34
N MET B 376 -17.90 -35.23 23.40
CA MET B 376 -19.20 -35.11 24.04
C MET B 376 -20.30 -34.95 23.00
N ALA B 377 -19.97 -34.43 21.81
CA ALA B 377 -20.94 -34.30 20.74
C ALA B 377 -20.23 -34.13 19.39
N LYS B 378 -20.99 -34.38 18.31
CA LYS B 378 -20.51 -34.43 16.93
C LYS B 378 -21.61 -33.90 16.03
N ASP B 379 -21.27 -33.32 14.88
CA ASP B 379 -22.32 -32.90 13.96
C ASP B 379 -21.74 -32.80 12.55
N GLY B 380 -22.59 -33.11 11.55
CA GLY B 380 -22.23 -33.03 10.14
C GLY B 380 -21.15 -34.05 9.76
N ASN B 381 -20.33 -33.71 8.76
CA ASN B 381 -19.37 -34.64 8.20
C ASN B 381 -18.12 -34.75 9.07
N MET B 382 -18.19 -35.63 10.05
CA MET B 382 -17.22 -35.69 11.12
C MET B 382 -17.02 -37.17 11.49
N ILE B 383 -15.76 -37.61 11.61
CA ILE B 383 -15.43 -38.99 11.92
C ILE B 383 -14.41 -39.01 13.04
N GLU B 384 -14.70 -39.81 14.08
CA GLU B 384 -13.73 -40.21 15.08
C GLU B 384 -13.17 -41.59 14.72
N SER B 385 -11.89 -41.80 14.98
CA SER B 385 -11.19 -42.99 14.52
C SER B 385 -9.91 -43.16 15.33
N GLY B 386 -9.96 -44.02 16.36
CA GLY B 386 -8.99 -43.97 17.42
C GLY B 386 -9.03 -42.59 18.07
N LYS B 387 -7.87 -41.90 18.06
CA LYS B 387 -7.73 -40.58 18.65
C LYS B 387 -7.48 -39.55 17.56
N THR B 388 -8.25 -39.64 16.46
CA THR B 388 -8.10 -38.77 15.29
C THR B 388 -9.47 -38.33 14.81
N TYR B 389 -9.62 -37.01 14.56
CA TYR B 389 -10.92 -36.46 14.23
C TYR B 389 -10.83 -35.74 12.89
N THR B 390 -11.66 -36.17 11.92
CA THR B 390 -11.63 -35.58 10.60
C THR B 390 -12.96 -34.86 10.40
N LEU B 391 -12.89 -33.64 9.86
CA LEU B 391 -14.07 -32.80 9.70
C LEU B 391 -14.07 -32.15 8.33
N GLY B 392 -15.24 -32.10 7.68
CA GLY B 392 -15.42 -31.34 6.46
C GLY B 392 -16.29 -30.10 6.69
N GLU B 393 -16.47 -29.30 5.63
CA GLU B 393 -17.34 -28.13 5.66
C GLU B 393 -18.55 -28.42 6.54
N GLY B 394 -18.79 -27.51 7.52
CA GLY B 394 -19.98 -27.50 8.33
C GLY B 394 -19.93 -28.44 9.54
N ALA B 395 -18.87 -29.24 9.68
CA ALA B 395 -18.80 -30.24 10.74
C ALA B 395 -18.19 -29.64 12.00
N SER B 396 -18.61 -30.14 13.17
CA SER B 396 -17.97 -29.77 14.44
C SER B 396 -17.93 -30.94 15.42
N VAL B 397 -16.94 -30.89 16.32
CA VAL B 397 -16.81 -31.80 17.46
C VAL B 397 -16.66 -30.96 18.73
N ILE B 398 -17.42 -31.33 19.76
CA ILE B 398 -17.36 -30.68 21.06
C ILE B 398 -16.72 -31.66 22.03
N PHE B 399 -15.69 -31.19 22.74
CA PHE B 399 -14.94 -31.99 23.71
C PHE B 399 -15.42 -31.63 25.11
N ASN B 400 -14.90 -32.41 26.08
CA ASN B 400 -15.31 -32.30 27.48
C ASN B 400 -14.83 -30.96 28.06
N ARG B 401 -15.57 -30.54 29.10
CA ARG B 401 -15.44 -29.30 29.84
C ARG B 401 -14.00 -29.03 30.24
N LEU B 402 -13.51 -27.81 29.96
CA LEU B 402 -12.19 -27.40 30.43
C LEU B 402 -12.23 -27.11 31.92
N LYS B 403 -11.05 -26.98 32.53
CA LYS B 403 -10.95 -26.55 33.91
C LYS B 403 -10.68 -25.04 33.94
N VAL B 404 -9.93 -24.53 34.93
CA VAL B 404 -9.80 -23.09 35.12
C VAL B 404 -8.55 -22.56 34.42
N HIS B 405 -7.42 -23.26 34.60
CA HIS B 405 -6.17 -22.91 33.94
C HIS B 405 -5.79 -24.06 33.00
N ASN B 406 -5.85 -23.80 31.70
CA ASN B 406 -5.85 -24.84 30.69
C ASN B 406 -4.72 -24.65 29.69
N LYS B 407 -4.06 -25.77 29.32
CA LYS B 407 -3.23 -25.85 28.13
C LYS B 407 -3.76 -26.92 27.16
N ILE B 408 -4.12 -26.46 25.96
CA ILE B 408 -4.77 -27.27 24.95
C ILE B 408 -3.81 -27.32 23.77
N SER B 409 -3.43 -28.53 23.35
CA SER B 409 -2.58 -28.73 22.20
C SER B 409 -3.18 -29.79 21.28
N PHE B 410 -2.86 -29.66 19.99
CA PHE B 410 -3.31 -30.57 18.96
C PHE B 410 -2.64 -30.16 17.66
N THR B 411 -2.52 -31.13 16.74
CA THR B 411 -2.05 -30.88 15.40
C THR B 411 -3.21 -30.96 14.42
N VAL B 412 -3.31 -29.95 13.54
CA VAL B 412 -4.34 -29.89 12.53
C VAL B 412 -3.66 -29.99 11.18
N LYS B 413 -4.00 -31.02 10.38
CA LYS B 413 -3.60 -31.05 8.99
C LYS B 413 -4.80 -30.71 8.10
N THR B 414 -4.59 -29.78 7.16
CA THR B 414 -5.62 -29.34 6.24
C THR B 414 -5.40 -30.05 4.90
N ALA B 415 -6.43 -30.04 4.05
CA ALA B 415 -6.39 -30.69 2.75
C ALA B 415 -5.70 -29.79 1.74
N SER B 416 -6.01 -28.50 1.82
CA SER B 416 -5.37 -27.48 1.00
C SER B 416 -5.05 -26.25 1.84
N ASN B 417 -4.31 -25.33 1.22
CA ASN B 417 -3.89 -24.07 1.84
C ASN B 417 -4.89 -22.98 1.47
N THR B 418 -6.11 -23.38 1.09
CA THR B 418 -7.23 -22.45 1.00
C THR B 418 -8.30 -22.83 2.03
N ASP B 419 -7.97 -23.75 2.94
CA ASP B 419 -8.97 -24.31 3.85
C ASP B 419 -9.13 -23.40 5.08
N ARG B 420 -10.20 -23.63 5.84
CA ARG B 420 -10.52 -22.83 7.00
C ARG B 420 -11.07 -23.72 8.10
N PHE B 421 -10.55 -23.56 9.32
CA PHE B 421 -11.07 -24.29 10.47
C PHE B 421 -11.20 -23.36 11.67
N GLY B 422 -11.81 -23.89 12.73
CA GLY B 422 -12.23 -23.10 13.87
C GLY B 422 -11.84 -23.77 15.18
N ILE B 423 -11.36 -22.94 16.12
CA ILE B 423 -11.10 -23.34 17.50
C ILE B 423 -12.07 -22.57 18.37
N SER B 424 -13.02 -23.30 18.96
CA SER B 424 -14.18 -22.72 19.61
C SER B 424 -14.14 -22.93 21.13
N PHE B 425 -14.56 -21.89 21.86
CA PHE B 425 -14.64 -21.90 23.31
C PHE B 425 -16.02 -21.45 23.74
N VAL B 426 -16.35 -21.79 25.01
CA VAL B 426 -17.66 -21.51 25.59
C VAL B 426 -18.74 -22.13 24.69
N ARG B 427 -18.49 -23.35 24.17
CA ARG B 427 -19.46 -24.01 23.32
C ARG B 427 -20.01 -25.26 24.02
N GLY B 428 -21.11 -25.05 24.77
CA GLY B 428 -21.88 -26.15 25.30
C GLY B 428 -22.73 -26.77 24.20
N THR B 429 -23.27 -27.97 24.50
CA THR B 429 -24.11 -28.68 23.55
C THR B 429 -25.37 -27.86 23.31
N ASP B 430 -25.70 -26.96 24.24
CA ASP B 430 -26.91 -26.15 24.17
C ASP B 430 -26.60 -24.67 23.83
N SER B 431 -25.35 -24.34 23.48
CA SER B 431 -24.99 -22.96 23.19
C SER B 431 -25.41 -22.54 21.77
N ALA B 432 -26.26 -21.51 21.69
CA ALA B 432 -26.67 -20.88 20.43
C ALA B 432 -25.53 -20.05 19.82
N SER B 433 -24.68 -19.49 20.70
CA SER B 433 -23.52 -18.70 20.29
C SER B 433 -22.27 -19.13 21.06
N TRP B 434 -21.11 -18.85 20.46
CA TRP B 434 -19.84 -19.25 21.03
C TRP B 434 -18.76 -18.44 20.33
N TYR B 435 -17.50 -18.63 20.75
CA TYR B 435 -16.43 -17.73 20.34
C TYR B 435 -15.29 -18.58 19.78
N SER B 436 -14.85 -18.22 18.57
CA SER B 436 -13.99 -19.08 17.78
C SER B 436 -12.84 -18.28 17.20
N ILE B 437 -11.66 -18.90 17.22
CA ILE B 437 -10.57 -18.47 16.37
C ILE B 437 -10.68 -19.20 15.03
N HIS B 438 -10.97 -18.43 13.97
CA HIS B 438 -10.97 -18.92 12.61
C HIS B 438 -9.56 -18.83 12.03
N VAL B 439 -9.01 -19.97 11.62
CA VAL B 439 -7.78 -19.99 10.85
C VAL B 439 -8.15 -20.09 9.37
N ASN B 440 -8.06 -18.96 8.66
CA ASN B 440 -8.40 -18.91 7.25
C ASN B 440 -7.12 -18.93 6.41
N ALA B 441 -6.69 -20.11 5.94
CA ALA B 441 -5.43 -20.26 5.23
C ALA B 441 -5.45 -19.47 3.92
N ASP B 442 -6.61 -19.43 3.25
CA ASP B 442 -6.77 -18.67 2.02
C ASP B 442 -6.44 -17.19 2.19
N GLU B 443 -6.76 -16.61 3.37
CA GLU B 443 -6.58 -15.18 3.64
C GLU B 443 -5.28 -14.93 4.42
N GLY B 444 -4.52 -15.99 4.72
CA GLY B 444 -3.26 -15.89 5.44
C GLY B 444 -3.39 -15.21 6.81
N LYS B 445 -4.52 -15.40 7.51
CA LYS B 445 -4.71 -14.80 8.83
C LYS B 445 -5.65 -15.66 9.67
N ALA B 446 -5.55 -15.49 11.00
CA ALA B 446 -6.55 -15.96 11.95
C ALA B 446 -7.48 -14.82 12.33
N ASN B 447 -8.76 -15.14 12.56
CA ASN B 447 -9.76 -14.19 13.03
C ASN B 447 -10.26 -14.61 14.40
N PHE B 448 -10.73 -13.63 15.19
CA PHE B 448 -11.56 -13.93 16.34
C PHE B 448 -12.98 -13.52 15.99
N GLU B 449 -13.95 -14.41 16.25
CA GLU B 449 -15.31 -14.20 15.82
C GLU B 449 -16.29 -14.77 16.85
N LYS B 450 -17.48 -14.17 16.85
CA LYS B 450 -18.64 -14.79 17.46
C LYS B 450 -19.29 -15.67 16.41
N ASP B 451 -19.52 -16.95 16.79
CA ASP B 451 -20.14 -17.94 15.92
C ASP B 451 -21.52 -18.30 16.45
N GLY B 452 -22.34 -18.92 15.58
CA GLY B 452 -23.68 -19.35 15.93
C GLY B 452 -24.69 -18.26 15.57
N ASP B 453 -25.73 -18.09 16.39
CA ASP B 453 -26.65 -16.98 16.26
C ASP B 453 -25.91 -15.67 16.53
N ASP B 454 -26.30 -14.61 15.82
CA ASP B 454 -25.69 -13.32 16.04
C ASP B 454 -24.18 -13.46 15.78
N ALA B 455 -23.82 -14.33 14.84
CA ALA B 455 -22.43 -14.47 14.42
C ALA B 455 -21.92 -13.10 14.00
N LYS B 456 -20.61 -12.86 14.15
CA LYS B 456 -20.00 -11.64 13.64
C LYS B 456 -18.49 -11.70 13.76
N TYR B 457 -17.84 -11.04 12.78
CA TYR B 457 -16.40 -10.86 12.74
C TYR B 457 -16.01 -9.82 13.80
N LEU B 458 -14.90 -10.05 14.52
CA LEU B 458 -14.44 -9.10 15.53
C LEU B 458 -13.09 -8.48 15.12
N PHE B 459 -12.03 -9.27 14.95
CA PHE B 459 -10.73 -8.77 14.50
C PHE B 459 -9.85 -9.95 14.09
N ASP B 460 -8.64 -9.66 13.60
CA ASP B 460 -7.83 -10.68 12.98
C ASP B 460 -6.35 -10.54 13.35
N ASN B 461 -5.54 -11.49 12.86
CA ASN B 461 -4.15 -11.63 13.24
C ASN B 461 -3.46 -12.39 12.10
N LYS B 462 -2.79 -11.64 11.23
CA LYS B 462 -2.13 -12.18 10.06
C LYS B 462 -0.86 -12.91 10.50
N PHE B 463 -0.60 -14.08 9.89
CA PHE B 463 0.57 -14.90 10.18
C PHE B 463 0.91 -15.76 8.96
N ASN B 464 2.08 -16.43 9.00
CA ASN B 464 2.57 -17.24 7.88
C ASN B 464 1.92 -18.62 7.86
N ILE B 465 1.15 -18.88 6.80
CA ILE B 465 0.49 -20.15 6.58
C ILE B 465 1.54 -21.24 6.32
N PRO B 466 1.45 -22.43 6.95
CA PRO B 466 2.45 -23.49 6.74
C PRO B 466 2.42 -24.04 5.30
N ALA B 467 3.61 -24.34 4.79
CA ALA B 467 3.81 -24.88 3.45
C ALA B 467 3.20 -26.28 3.36
N ASP B 468 3.42 -27.09 4.41
CA ASP B 468 2.96 -28.48 4.48
C ASP B 468 1.53 -28.63 5.01
N ASN B 469 0.82 -27.50 5.13
CA ASN B 469 -0.59 -27.51 5.52
C ASN B 469 -0.78 -28.05 6.94
N GLU B 470 0.27 -27.99 7.78
CA GLU B 470 0.21 -28.53 9.13
C GLU B 470 0.31 -27.43 10.21
N TYR B 471 -0.64 -27.47 11.17
CA TYR B 471 -0.77 -26.48 12.23
C TYR B 471 -0.60 -27.10 13.62
N ARG B 472 0.56 -26.84 14.26
CA ARG B 472 0.86 -27.26 15.62
C ARG B 472 0.36 -26.17 16.57
N VAL B 473 -0.77 -26.46 17.23
CA VAL B 473 -1.53 -25.49 18.00
C VAL B 473 -1.26 -25.67 19.49
N THR B 474 -1.01 -24.55 20.19
CA THR B 474 -0.99 -24.53 21.64
C THR B 474 -1.81 -23.33 22.10
N ILE B 475 -2.62 -23.55 23.14
CA ILE B 475 -3.45 -22.51 23.74
C ILE B 475 -3.28 -22.56 25.25
N TYR B 476 -2.83 -21.44 25.83
CA TYR B 476 -2.60 -21.34 27.27
C TYR B 476 -3.64 -20.39 27.86
N SER B 477 -4.29 -20.81 28.95
CA SER B 477 -5.33 -20.00 29.55
C SER B 477 -5.09 -19.84 31.05
N ASP B 478 -5.52 -18.66 31.54
CA ASP B 478 -5.71 -18.35 32.94
C ASP B 478 -7.11 -17.74 33.01
N GLN B 479 -8.07 -18.53 33.45
CA GLN B 479 -9.44 -18.08 33.56
C GLN B 479 -9.86 -17.55 32.17
N SER B 480 -10.18 -16.25 32.09
CA SER B 480 -10.80 -15.62 30.93
C SER B 480 -9.78 -15.12 29.91
N VAL B 481 -8.48 -15.29 30.18
CA VAL B 481 -7.43 -14.79 29.30
C VAL B 481 -6.69 -15.98 28.72
N CYS B 482 -6.51 -15.99 27.38
CA CYS B 482 -5.69 -17.02 26.74
C CYS B 482 -4.88 -16.44 25.58
N VAL B 483 -3.77 -17.11 25.28
CA VAL B 483 -3.02 -16.86 24.06
C VAL B 483 -2.95 -18.18 23.29
N THR B 484 -3.27 -18.10 21.99
CA THR B 484 -3.13 -19.16 21.01
C THR B 484 -1.87 -18.95 20.15
N TYR B 485 -1.00 -19.98 20.14
CA TYR B 485 0.22 -20.02 19.34
C TYR B 485 0.13 -21.14 18.30
N ILE B 486 0.63 -20.87 17.08
CA ILE B 486 0.65 -21.84 16.00
C ILE B 486 1.97 -21.73 15.25
N ASN B 487 2.73 -22.85 15.22
CA ASN B 487 3.91 -23.02 14.36
C ASN B 487 4.98 -21.96 14.64
N ASP B 488 4.99 -21.37 15.84
CA ASP B 488 5.86 -20.23 16.15
C ASP B 488 5.68 -19.09 15.14
N GLN B 489 4.46 -18.96 14.60
CA GLN B 489 4.14 -17.92 13.65
C GLN B 489 3.05 -17.03 14.24
N LEU B 490 1.91 -17.65 14.62
CA LEU B 490 0.80 -16.95 15.23
C LEU B 490 1.05 -16.80 16.73
N SER B 491 0.73 -15.60 17.22
CA SER B 491 0.51 -15.34 18.63
C SER B 491 -0.77 -14.51 18.75
N PHE B 492 -1.83 -15.12 19.30
CA PHE B 492 -3.15 -14.51 19.29
C PHE B 492 -3.69 -14.51 20.72
N THR B 493 -3.64 -13.34 21.37
CA THR B 493 -4.16 -13.15 22.71
C THR B 493 -5.65 -12.92 22.57
N ASN B 494 -6.46 -13.53 23.43
CA ASN B 494 -7.87 -13.19 23.46
C ASN B 494 -8.41 -13.10 24.88
N ARG B 495 -9.47 -12.30 25.02
CA ARG B 495 -10.32 -12.32 26.21
C ARG B 495 -11.52 -13.22 25.90
N ILE B 496 -11.64 -14.30 26.68
CA ILE B 496 -12.76 -15.22 26.54
C ILE B 496 -13.33 -15.55 27.92
N TYR B 497 -14.24 -14.67 28.38
CA TYR B 497 -15.02 -14.91 29.58
C TYR B 497 -15.74 -16.25 29.43
N GLN B 498 -15.60 -17.09 30.47
CA GLN B 498 -16.33 -18.36 30.65
C GLN B 498 -15.77 -19.47 29.75
N MET B 499 -14.54 -19.34 29.26
CA MET B 499 -13.92 -20.48 28.59
C MET B 499 -13.62 -21.57 29.63
N GLN B 500 -13.36 -21.14 30.88
CA GLN B 500 -13.15 -22.06 31.99
C GLN B 500 -14.46 -22.77 32.33
N LYS B 501 -14.33 -24.06 32.71
CA LYS B 501 -15.46 -24.90 33.11
C LYS B 501 -16.48 -25.01 31.98
N ASN B 502 -16.05 -24.79 30.74
CA ASN B 502 -16.95 -24.96 29.62
C ASN B 502 -16.29 -25.85 28.57
N PRO B 503 -17.12 -26.55 27.76
CA PRO B 503 -16.62 -27.34 26.64
C PRO B 503 -15.99 -26.45 25.58
N TRP B 504 -15.02 -27.04 24.87
CA TRP B 504 -14.44 -26.45 23.69
C TRP B 504 -14.64 -27.40 22.51
N SER B 505 -14.23 -26.96 21.32
CA SER B 505 -14.74 -27.50 20.08
C SER B 505 -13.79 -27.15 18.94
N LEU B 506 -13.71 -28.06 17.96
CA LEU B 506 -13.07 -27.81 16.67
C LEU B 506 -14.12 -27.91 15.57
N CYS B 507 -13.96 -27.12 14.52
CA CYS B 507 -14.87 -27.18 13.40
C CYS B 507 -14.11 -26.91 12.10
N CYS B 508 -14.75 -27.25 10.97
CA CYS B 508 -14.20 -26.96 9.65
C CYS B 508 -15.22 -26.11 8.90
N TYR B 509 -14.79 -24.94 8.43
CA TYR B 509 -15.67 -24.03 7.71
C TYR B 509 -15.54 -24.24 6.20
N LYS B 510 -14.35 -24.68 5.74
CA LYS B 510 -14.06 -24.82 4.32
C LYS B 510 -12.96 -25.87 4.13
N GLY B 511 -13.18 -26.79 3.20
CA GLY B 511 -12.23 -27.86 2.94
C GLY B 511 -12.38 -29.04 3.88
N GLU B 512 -11.25 -29.54 4.38
CA GLU B 512 -11.27 -30.67 5.28
C GLU B 512 -10.04 -30.59 6.19
N ILE B 513 -10.19 -31.07 7.43
CA ILE B 513 -9.08 -31.14 8.37
C ILE B 513 -9.04 -32.52 9.03
N THR B 514 -7.84 -32.93 9.46
CA THR B 514 -7.65 -34.10 10.31
C THR B 514 -6.83 -33.65 11.53
N VAL B 515 -7.29 -34.08 12.71
CA VAL B 515 -6.82 -33.54 13.99
C VAL B 515 -6.30 -34.69 14.83
N SER B 516 -5.11 -34.50 15.40
CA SER B 516 -4.43 -35.56 16.10
C SER B 516 -3.76 -35.00 17.36
N ASP B 517 -3.49 -35.89 18.30
CA ASP B 517 -2.65 -35.62 19.45
C ASP B 517 -3.28 -34.50 20.29
N VAL B 518 -4.60 -34.64 20.54
CA VAL B 518 -5.35 -33.65 21.29
C VAL B 518 -5.07 -33.88 22.77
N GLN B 519 -4.53 -32.86 23.44
CA GLN B 519 -4.22 -32.96 24.85
C GLN B 519 -4.75 -31.73 25.57
N VAL B 520 -5.01 -31.92 26.88
CA VAL B 520 -5.36 -30.86 27.79
C VAL B 520 -4.63 -31.16 29.10
N SER B 521 -3.85 -30.19 29.57
CA SER B 521 -3.24 -30.20 30.88
C SER B 521 -3.67 -28.95 31.66
N THR B 522 -3.63 -29.03 33.00
CA THR B 522 -4.14 -27.98 33.87
C THR B 522 -3.24 -27.83 35.11
N TYR B 523 -3.56 -26.85 35.98
CA TYR B 523 -2.85 -26.67 37.26
C TYR B 523 -3.74 -26.00 38.31
#